data_6GQ3
#
_entry.id   6GQ3
#
_cell.length_a   64.700
_cell.length_b   83.520
_cell.length_c   110.290
_cell.angle_alpha   90.00
_cell.angle_beta   90.65
_cell.angle_gamma   90.00
#
_symmetry.space_group_name_H-M   'P 1 21 1'
#
loop_
_entity.id
_entity.type
_entity.pdbx_description
1 polymer 'Asparagine synthetase [glutamine-hydrolyzing]'
2 non-polymer 5-OXO-L-NORLEUCINE
3 non-polymer 1,2-ETHANEDIOL
4 non-polymer '4-(2-HYDROXYETHYL)-1-PIPERAZINE ETHANESULFONIC ACID'
5 non-polymer 'CHLORIDE ION'
6 water water
#
_entity_poly.entity_id   1
_entity_poly.type   'polypeptide(L)'
_entity_poly.pdbx_seq_one_letter_code
;MCGIWALFGSDDCLSVQCLSAMKIAHRGPDAFRFENVNGYTNCCFGFHRLAVVDPLFGMQPIRVKKYPYLWLCYNGEIYN
HKKMQQHFEFEYQTKVDGEIILHLYDKGGIEQTICMLDGVFAFVLLDTANKKVFLGRDTYGVRPLFKAMTEDGFLAVCSE
AKGLVTLKHSATPFLKVEPFLPGHYEVLDLKPNGKVASVEMVKYHHCRDVPLHALYDNVEKLFPGFEIETVKNNLRILFN
NAVKKRLMTDRRIGCLLSGGLDSSLVAATLLKQLKEAQVQYPLQTFAIGMEDSPDLLAARKVADHIGSEHYEVLFNSEEG
IQALDEVIFSLETYDITTVRASVGMYLISKYIRKNTDSVVIFSGEGSDELTQGYIYFHKAPSPEKAEEESERLLRELYLF
DVLRADRTTAAHGLELRVPFLDHRFSSYYLSLPPEMRIPKNGIEKHLLRETFEDSNLIPKEILWRPKEAFSDGITSVKNS
WFKILQEYVEHQVDDAMMANAAQKFPFNTPKTKEGYYYRQVFERHYPGRADWLSHYWMPKWINATDPSARTLTHYKSAVK
A
;
_entity_poly.pdbx_strand_id   A,B
#
# COMPACT_ATOMS: atom_id res chain seq x y z
N CYS A 2 -9.37 -1.18 -13.46
CA CYS A 2 -8.25 -0.86 -12.53
C CYS A 2 -7.76 0.54 -12.84
N GLY A 3 -7.29 1.21 -11.80
CA GLY A 3 -6.73 2.56 -11.89
C GLY A 3 -5.32 2.58 -11.39
N ILE A 4 -4.42 3.08 -12.24
CA ILE A 4 -3.01 3.21 -11.88
C ILE A 4 -2.66 4.67 -11.68
N TRP A 5 -1.74 4.88 -10.75
CA TRP A 5 -1.26 6.19 -10.40
C TRP A 5 0.19 6.03 -9.93
N ALA A 6 1.08 6.87 -10.43
CA ALA A 6 2.48 6.79 -10.00
C ALA A 6 3.21 8.10 -10.10
N LEU A 7 4.12 8.33 -9.14
CA LEU A 7 4.95 9.51 -9.10
C LEU A 7 6.42 9.14 -9.01
N PHE A 8 7.25 9.89 -9.74
CA PHE A 8 8.71 9.74 -9.65
C PHE A 8 9.26 11.14 -9.43
N GLY A 9 10.16 11.31 -8.46
CA GLY A 9 10.76 12.60 -8.22
C GLY A 9 9.85 13.61 -7.52
N SER A 10 8.90 13.11 -6.73
CA SER A 10 7.97 13.96 -6.01
C SER A 10 8.68 14.75 -4.90
N ASP A 11 8.09 15.89 -4.53
CA ASP A 11 8.49 16.61 -3.31
C ASP A 11 8.06 15.83 -2.06
N ASP A 12 6.78 15.49 -1.96
CA ASP A 12 6.25 14.71 -0.81
C ASP A 12 5.14 13.74 -1.25
N CYS A 13 5.52 12.50 -1.60
CA CYS A 13 4.53 11.45 -1.90
C CYS A 13 4.43 10.41 -0.77
N LEU A 14 4.03 10.94 0.39
CA LEU A 14 3.46 10.17 1.49
C LEU A 14 2.19 10.88 1.96
N SER A 15 2.33 12.00 2.64
CA SER A 15 1.19 12.67 3.29
C SER A 15 0.16 13.20 2.29
N VAL A 16 0.54 14.22 1.53
CA VAL A 16 -0.40 14.98 0.69
C VAL A 16 -0.80 14.22 -0.60
N GLN A 17 0.00 13.24 -1.01
CA GLN A 17 -0.25 12.52 -2.27
C GLN A 17 -0.66 11.04 -2.11
N CYS A 18 -0.74 10.54 -0.88
CA CYS A 18 -1.64 9.41 -0.56
C CYS A 18 -3.09 9.79 -0.91
N LEU A 19 -3.43 11.06 -0.72
CA LEU A 19 -4.75 11.62 -1.03
C LEU A 19 -5.04 11.80 -2.53
N SER A 20 -4.02 12.08 -3.33
CA SER A 20 -4.22 12.23 -4.80
C SER A 20 -4.47 10.88 -5.53
N ALA A 21 -3.87 9.82 -5.00
CA ALA A 21 -4.08 8.45 -5.51
C ALA A 21 -5.54 8.00 -5.47
N MET A 22 -6.37 8.64 -4.65
CA MET A 22 -7.79 8.26 -4.48
C MET A 22 -8.73 8.79 -5.56
N LYS A 23 -8.30 9.75 -6.36
CA LYS A 23 -9.17 10.35 -7.39
C LYS A 23 -9.66 9.36 -8.44
N ILE A 24 -8.92 8.29 -8.65
CA ILE A 24 -9.35 7.28 -9.65
C ILE A 24 -9.88 5.97 -9.06
N ALA A 25 -10.29 6.01 -7.78
CA ALA A 25 -10.83 4.82 -7.08
C ALA A 25 -11.94 4.09 -7.79
N HIS A 26 -12.84 4.84 -8.46
CA HIS A 26 -13.95 4.25 -9.20
C HIS A 26 -13.60 3.10 -10.14
N ARG A 27 -12.43 3.20 -10.77
CA ARG A 27 -11.96 2.17 -11.73
C ARG A 27 -11.73 0.82 -11.10
N GLY A 28 -11.35 0.78 -9.81
CA GLY A 28 -10.96 -0.49 -9.14
C GLY A 28 -11.53 -0.58 -7.75
N PRO A 29 -12.80 -0.96 -7.61
CA PRO A 29 -13.43 -0.94 -6.28
C PRO A 29 -13.03 -2.02 -5.27
N ASP A 30 -12.36 -3.09 -5.69
CA ASP A 30 -12.19 -4.27 -4.83
C ASP A 30 -11.08 -4.10 -3.79
N ALA A 31 -10.04 -3.35 -4.13
CA ALA A 31 -8.92 -3.11 -3.19
C ALA A 31 -8.05 -1.96 -3.65
N PHE A 32 -7.32 -1.35 -2.71
CA PHE A 32 -6.38 -0.27 -2.96
C PHE A 32 -5.05 -0.57 -2.27
N ARG A 33 -3.92 -0.35 -2.95
CA ARG A 33 -2.60 -0.34 -2.32
C ARG A 33 -1.80 0.90 -2.76
N PHE A 34 -1.16 1.54 -1.79
CA PHE A 34 -0.26 2.66 -2.01
C PHE A 34 1.08 2.31 -1.39
N GLU A 35 2.18 2.47 -2.13
CA GLU A 35 3.50 2.26 -1.54
C GLU A 35 4.58 3.07 -2.25
N ASN A 36 5.67 3.33 -1.54
CA ASN A 36 6.82 4.03 -2.10
C ASN A 36 7.96 3.02 -2.30
N VAL A 37 9.10 3.49 -2.80
CA VAL A 37 10.14 2.61 -3.31
C VAL A 37 11.37 2.72 -2.44
N ASN A 38 11.82 1.58 -1.92
CA ASN A 38 13.07 1.51 -1.12
C ASN A 38 14.19 2.15 -1.91
N GLY A 39 14.89 3.10 -1.29
CA GLY A 39 16.00 3.79 -1.94
C GLY A 39 15.60 4.98 -2.80
N TYR A 40 14.29 5.14 -3.06
CA TYR A 40 13.75 6.17 -3.95
C TYR A 40 12.42 6.56 -3.37
N THR A 41 12.46 7.03 -2.12
CA THR A 41 11.24 7.15 -1.32
C THR A 41 10.35 8.32 -1.75
N ASN A 42 10.81 9.14 -2.70
CA ASN A 42 9.99 10.14 -3.37
C ASN A 42 9.35 9.63 -4.66
N CYS A 43 9.41 8.31 -4.91
CA CYS A 43 8.71 7.65 -6.01
C CYS A 43 7.68 6.70 -5.39
N CYS A 44 6.45 6.70 -5.90
CA CYS A 44 5.40 5.87 -5.32
C CYS A 44 4.34 5.47 -6.32
N PHE A 45 3.60 4.43 -5.92
CA PHE A 45 2.54 3.83 -6.70
C PHE A 45 1.25 3.85 -5.89
N GLY A 46 0.13 4.04 -6.59
CA GLY A 46 -1.22 3.84 -6.04
C GLY A 46 -2.00 3.01 -7.04
N PHE A 47 -2.66 1.96 -6.57
CA PHE A 47 -3.33 1.03 -7.44
C PHE A 47 -4.69 0.67 -6.89
N HIS A 48 -5.74 0.94 -7.67
CA HIS A 48 -7.10 0.54 -7.33
C HIS A 48 -7.44 -0.65 -8.20
N ARG A 49 -7.74 -1.78 -7.56
CA ARG A 49 -7.96 -3.00 -8.29
C ARG A 49 -9.44 -3.35 -8.49
N LEU A 50 -9.79 -3.66 -9.73
CA LEU A 50 -10.94 -4.52 -10.02
C LEU A 50 -10.34 -5.90 -10.29
N ALA A 51 -10.63 -6.87 -9.44
CA ALA A 51 -9.96 -8.19 -9.55
C ALA A 51 -10.68 -9.10 -10.57
N VAL A 52 -10.07 -9.25 -11.75
CA VAL A 52 -10.66 -9.91 -12.89
C VAL A 52 -10.05 -11.32 -13.07
N VAL A 53 -8.72 -11.43 -12.92
CA VAL A 53 -7.97 -12.69 -13.01
C VAL A 53 -7.19 -12.76 -11.70
N ASP A 54 -7.27 -13.90 -11.01
CA ASP A 54 -6.44 -14.17 -9.81
C ASP A 54 -6.79 -13.29 -8.61
N PRO A 55 -7.96 -13.51 -8.01
CA PRO A 55 -8.30 -12.62 -6.89
C PRO A 55 -7.30 -12.67 -5.72
N LEU A 56 -6.71 -13.84 -5.43
CA LEU A 56 -5.95 -14.00 -4.20
C LEU A 56 -4.53 -13.46 -4.24
N PHE A 57 -3.87 -13.57 -5.41
CA PHE A 57 -2.44 -13.29 -5.53
C PHE A 57 -2.08 -12.16 -6.53
N GLY A 58 -3.08 -11.48 -7.10
CA GLY A 58 -2.81 -10.51 -8.15
C GLY A 58 -2.76 -9.05 -7.77
N MET A 59 -2.71 -8.73 -6.47
CA MET A 59 -2.67 -7.30 -6.09
C MET A 59 -1.37 -6.66 -6.62
N GLN A 60 -1.43 -5.36 -6.93
CA GLN A 60 -0.30 -4.64 -7.54
C GLN A 60 0.10 -3.50 -6.58
N PRO A 61 1.29 -2.91 -6.67
CA PRO A 61 2.37 -3.23 -7.62
C PRO A 61 2.77 -4.68 -7.59
N ILE A 62 2.89 -5.30 -8.77
CA ILE A 62 3.32 -6.68 -8.90
C ILE A 62 4.82 -6.69 -8.66
N ARG A 63 5.22 -7.46 -7.65
CA ARG A 63 6.61 -7.63 -7.26
C ARG A 63 6.78 -9.09 -6.92
N VAL A 64 7.69 -9.77 -7.62
CA VAL A 64 7.89 -11.21 -7.45
C VAL A 64 9.35 -11.49 -7.05
N LYS A 65 9.52 -12.58 -6.31
CA LYS A 65 10.82 -12.99 -5.75
C LYS A 65 11.95 -13.05 -6.79
N LYS A 66 11.63 -13.51 -7.99
CA LYS A 66 12.64 -13.73 -9.03
C LYS A 66 13.27 -12.41 -9.50
N TYR A 67 12.52 -11.31 -9.43
CA TYR A 67 12.99 -10.04 -9.95
C TYR A 67 12.79 -9.02 -8.85
N PRO A 68 13.73 -8.99 -7.88
CA PRO A 68 13.53 -8.14 -6.72
C PRO A 68 13.52 -6.64 -7.01
N TYR A 69 14.05 -6.22 -8.16
CA TYR A 69 14.14 -4.80 -8.45
C TYR A 69 13.14 -4.32 -9.52
N LEU A 70 12.18 -5.15 -9.89
CA LEU A 70 11.10 -4.74 -10.79
C LEU A 70 9.80 -4.47 -10.04
N TRP A 71 9.16 -3.36 -10.38
CA TRP A 71 7.84 -3.01 -9.85
C TRP A 71 6.92 -2.75 -11.05
N LEU A 72 5.82 -3.48 -11.17
CA LEU A 72 4.90 -3.27 -12.29
C LEU A 72 3.53 -2.86 -11.79
N CYS A 73 2.98 -1.80 -12.37
CA CYS A 73 1.59 -1.46 -12.19
CA CYS A 73 1.56 -1.48 -12.22
C CYS A 73 0.92 -1.38 -13.58
N TYR A 74 -0.18 -2.07 -13.78
CA TYR A 74 -0.84 -2.02 -15.10
C TYR A 74 -2.35 -2.14 -14.98
N ASN A 75 -3.02 -1.51 -15.92
CA ASN A 75 -4.46 -1.74 -16.13
C ASN A 75 -4.60 -2.42 -17.46
N GLY A 76 -5.07 -3.66 -17.46
CA GLY A 76 -5.14 -4.39 -18.74
C GLY A 76 -5.35 -5.88 -18.64
N GLU A 77 -5.33 -6.52 -19.81
CA GLU A 77 -5.48 -7.94 -19.94
C GLU A 77 -4.57 -8.45 -21.04
N ILE A 78 -3.63 -9.31 -20.68
CA ILE A 78 -2.66 -9.91 -21.64
C ILE A 78 -3.21 -11.29 -21.97
N TYR A 79 -4.02 -11.36 -23.03
CA TYR A 79 -4.78 -12.56 -23.37
C TYR A 79 -3.91 -13.76 -23.77
N ASN A 80 -2.70 -13.50 -24.29
CA ASN A 80 -1.77 -14.59 -24.68
C ASN A 80 -0.73 -14.92 -23.62
N HIS A 81 -0.97 -14.53 -22.38
CA HIS A 81 0.08 -14.68 -21.36
C HIS A 81 0.42 -16.16 -21.13
N LYS A 82 -0.60 -17.02 -21.13
CA LYS A 82 -0.40 -18.41 -20.76
C LYS A 82 0.41 -19.18 -21.80
N LYS A 83 0.16 -18.95 -23.08
CA LYS A 83 0.96 -19.62 -24.10
C LYS A 83 2.39 -19.15 -24.16
N MET A 84 2.66 -17.88 -23.82
CA MET A 84 4.04 -17.43 -23.66
C MET A 84 4.70 -18.09 -22.43
N GLN A 85 3.99 -18.09 -21.31
CA GLN A 85 4.47 -18.73 -20.09
C GLN A 85 4.94 -20.18 -20.37
N GLN A 86 4.08 -20.93 -21.05
CA GLN A 86 4.36 -22.33 -21.40
C GLN A 86 5.49 -22.47 -22.40
N HIS A 87 5.49 -21.68 -23.46
CA HIS A 87 6.55 -21.82 -24.45
C HIS A 87 7.93 -21.51 -23.85
N PHE A 88 8.02 -20.44 -23.09
CA PHE A 88 9.29 -20.05 -22.49
C PHE A 88 9.59 -20.74 -21.17
N GLU A 89 8.60 -21.47 -20.61
CA GLU A 89 8.75 -22.23 -19.36
C GLU A 89 9.04 -21.31 -18.17
N PHE A 90 8.35 -20.17 -18.11
CA PHE A 90 8.51 -19.26 -16.99
C PHE A 90 7.77 -19.84 -15.81
N GLU A 91 8.29 -19.62 -14.62
CA GLU A 91 7.63 -20.04 -13.39
C GLU A 91 7.03 -18.80 -12.71
N TYR A 92 5.70 -18.73 -12.66
CA TYR A 92 5.01 -17.58 -12.04
C TYR A 92 4.96 -17.72 -10.54
N GLN A 93 4.95 -16.60 -9.85
CA GLN A 93 4.64 -16.57 -8.43
C GLN A 93 3.15 -16.32 -8.21
N THR A 94 2.54 -15.47 -9.04
CA THR A 94 1.10 -15.18 -8.92
C THR A 94 0.36 -16.05 -9.92
N LYS A 95 -0.94 -15.81 -10.07
CA LYS A 95 -1.69 -16.34 -11.18
C LYS A 95 -2.23 -15.26 -12.15
N VAL A 96 -1.65 -14.07 -12.11
CA VAL A 96 -2.21 -12.94 -12.85
C VAL A 96 -1.52 -12.80 -14.21
N ASP A 97 -2.32 -12.54 -15.24
CA ASP A 97 -1.83 -12.39 -16.61
C ASP A 97 -0.68 -11.41 -16.75
N GLY A 98 -0.70 -10.27 -16.04
CA GLY A 98 0.37 -9.28 -16.23
C GLY A 98 1.78 -9.66 -15.75
N GLU A 99 1.89 -10.73 -14.94
CA GLU A 99 3.20 -11.19 -14.49
C GLU A 99 4.08 -11.55 -15.69
N ILE A 100 3.49 -11.90 -16.82
CA ILE A 100 4.28 -12.24 -18.03
C ILE A 100 5.15 -11.06 -18.46
N ILE A 101 4.71 -9.83 -18.22
CA ILE A 101 5.47 -8.64 -18.57
C ILE A 101 6.83 -8.65 -17.84
N LEU A 102 6.86 -9.09 -16.60
CA LEU A 102 8.13 -9.11 -15.84
C LEU A 102 9.11 -10.14 -16.41
N HIS A 103 8.62 -11.33 -16.73
CA HIS A 103 9.48 -12.41 -17.24
C HIS A 103 10.03 -12.07 -18.62
N LEU A 104 9.20 -11.50 -19.46
CA LEU A 104 9.66 -11.10 -20.80
C LEU A 104 10.63 -9.90 -20.73
N TYR A 105 10.36 -8.97 -19.83
CA TYR A 105 11.26 -7.83 -19.73
C TYR A 105 12.62 -8.25 -19.21
N ASP A 106 12.63 -9.10 -18.20
CA ASP A 106 13.92 -9.54 -17.66
C ASP A 106 14.73 -10.28 -18.73
N LYS A 107 14.06 -11.06 -19.56
CA LYS A 107 14.69 -11.80 -20.65
C LYS A 107 15.18 -10.94 -21.82
N GLY A 108 14.39 -9.96 -22.28
CA GLY A 108 14.67 -9.28 -23.55
C GLY A 108 14.57 -7.77 -23.63
N GLY A 109 14.27 -7.10 -22.52
CA GLY A 109 14.10 -5.66 -22.55
C GLY A 109 12.70 -5.23 -22.96
N ILE A 110 12.48 -3.93 -22.90
CA ILE A 110 11.14 -3.37 -23.06
C ILE A 110 10.58 -3.48 -24.47
N GLU A 111 11.37 -3.17 -25.51
CA GLU A 111 10.82 -3.19 -26.85
C GLU A 111 10.37 -4.59 -27.24
N GLN A 112 11.23 -5.58 -26.99
CA GLN A 112 10.94 -6.99 -27.31
C GLN A 112 9.83 -7.60 -26.43
N THR A 113 9.45 -6.93 -25.34
CA THR A 113 8.32 -7.34 -24.48
C THR A 113 7.00 -6.79 -24.97
N ILE A 114 6.93 -5.47 -25.15
CA ILE A 114 5.66 -4.81 -25.49
C ILE A 114 5.08 -5.26 -26.83
N CYS A 115 5.95 -5.59 -27.80
CA CYS A 115 5.52 -6.01 -29.12
C CYS A 115 4.89 -7.43 -29.07
N MET A 116 5.13 -8.18 -27.99
CA MET A 116 4.62 -9.56 -27.84
C MET A 116 3.24 -9.67 -27.17
N LEU A 117 2.75 -8.57 -26.62
CA LEU A 117 1.54 -8.62 -25.78
C LEU A 117 0.27 -8.55 -26.62
N ASP A 118 -0.50 -9.64 -26.61
CA ASP A 118 -1.78 -9.74 -27.33
C ASP A 118 -2.89 -9.39 -26.34
N GLY A 119 -3.21 -8.11 -26.29
CA GLY A 119 -4.13 -7.61 -25.30
C GLY A 119 -4.19 -6.11 -25.26
N VAL A 120 -4.82 -5.63 -24.19
CA VAL A 120 -5.03 -4.21 -23.91
C VAL A 120 -4.34 -3.87 -22.59
N PHE A 121 -3.73 -2.70 -22.51
CA PHE A 121 -2.93 -2.35 -21.34
C PHE A 121 -2.47 -0.89 -21.36
N ALA A 122 -2.39 -0.35 -20.15
CA ALA A 122 -1.56 0.80 -19.84
C ALA A 122 -0.70 0.42 -18.67
N PHE A 123 0.61 0.64 -18.76
CA PHE A 123 1.49 0.24 -17.67
C PHE A 123 2.58 1.22 -17.29
N VAL A 124 3.07 1.06 -16.07
CA VAL A 124 4.31 1.72 -15.64
CA VAL A 124 4.29 1.72 -15.58
C VAL A 124 5.18 0.62 -15.03
N LEU A 125 6.43 0.54 -15.50
CA LEU A 125 7.38 -0.49 -15.01
C LEU A 125 8.63 0.22 -14.50
N LEU A 126 9.01 -0.03 -13.24
CA LEU A 126 10.20 0.55 -12.64
C LEU A 126 11.23 -0.54 -12.50
N ASP A 127 12.49 -0.25 -12.87
CA ASP A 127 13.60 -1.20 -12.73
C ASP A 127 14.71 -0.44 -12.01
N THR A 128 14.87 -0.72 -10.71
CA THR A 128 15.88 -0.02 -9.92
C THR A 128 17.31 -0.57 -10.09
N ALA A 129 17.48 -1.74 -10.68
CA ALA A 129 18.84 -2.24 -11.00
C ALA A 129 19.44 -1.47 -12.19
N ASN A 130 18.66 -1.40 -13.28
CA ASN A 130 19.04 -0.70 -14.50
C ASN A 130 18.71 0.78 -14.53
N LYS A 131 18.01 1.27 -13.50
CA LYS A 131 17.68 2.69 -13.34
C LYS A 131 16.82 3.20 -14.49
N LYS A 132 15.70 2.52 -14.71
CA LYS A 132 14.79 2.87 -15.80
C LYS A 132 13.35 2.86 -15.33
N VAL A 133 12.55 3.77 -15.88
CA VAL A 133 11.10 3.76 -15.78
C VAL A 133 10.57 3.61 -17.20
N PHE A 134 9.57 2.76 -17.39
CA PHE A 134 8.96 2.52 -18.70
C PHE A 134 7.47 2.78 -18.60
N LEU A 135 6.93 3.48 -19.59
CA LEU A 135 5.51 3.66 -19.78
C LEU A 135 5.13 2.97 -21.07
N GLY A 136 3.94 2.37 -21.12
CA GLY A 136 3.48 1.70 -22.35
C GLY A 136 1.96 1.70 -22.44
N ARG A 137 1.46 1.73 -23.66
CA ARG A 137 0.04 1.70 -23.96
C ARG A 137 -0.22 0.82 -25.18
N ASP A 138 -1.35 0.08 -25.14
CA ASP A 138 -1.71 -0.82 -26.23
C ASP A 138 -1.98 -0.09 -27.54
N THR A 139 -1.92 -0.86 -28.60
CA THR A 139 -1.96 -0.36 -29.98
C THR A 139 -3.07 0.66 -30.26
N TYR A 140 -4.31 0.29 -29.94
CA TYR A 140 -5.47 1.15 -30.22
C TYR A 140 -5.83 2.07 -29.08
N GLY A 141 -5.10 1.99 -27.96
CA GLY A 141 -5.32 2.92 -26.87
C GLY A 141 -6.52 2.57 -26.02
N VAL A 142 -6.87 1.28 -25.98
CA VAL A 142 -8.08 0.83 -25.31
C VAL A 142 -8.04 1.15 -23.83
N ARG A 143 -6.93 0.82 -23.17
CA ARG A 143 -6.74 1.16 -21.77
C ARG A 143 -6.00 2.51 -21.71
N PRO A 144 -6.45 3.42 -20.83
CA PRO A 144 -5.91 4.80 -20.85
C PRO A 144 -4.68 5.06 -20.00
N LEU A 145 -3.97 6.13 -20.38
CA LEU A 145 -2.83 6.62 -19.62
C LEU A 145 -2.61 8.09 -19.96
N PHE A 146 -2.36 8.88 -18.93
CA PHE A 146 -2.04 10.29 -19.05
C PHE A 146 -0.75 10.54 -18.28
N LYS A 147 -0.02 11.58 -18.66
CA LYS A 147 1.23 11.90 -18.01
C LYS A 147 1.45 13.39 -17.88
N ALA A 148 2.26 13.74 -16.89
CA ALA A 148 2.71 15.11 -16.65
C ALA A 148 4.16 15.04 -16.28
N MET A 149 4.95 15.95 -16.82
CA MET A 149 6.36 15.97 -16.53
C MET A 149 6.89 17.40 -16.48
N THR A 150 7.80 17.66 -15.55
CA THR A 150 8.36 18.99 -15.36
C THR A 150 9.81 19.00 -15.79
N GLU A 151 10.35 20.21 -15.91
CA GLU A 151 11.73 20.40 -16.33
C GLU A 151 12.72 19.80 -15.33
N ASP A 152 12.41 19.94 -14.04
CA ASP A 152 13.26 19.33 -12.97
C ASP A 152 13.21 17.79 -12.86
N GLY A 153 12.36 17.13 -13.64
CA GLY A 153 12.31 15.65 -13.69
C GLY A 153 11.28 14.98 -12.79
N PHE A 154 10.23 15.72 -12.43
CA PHE A 154 9.06 15.15 -11.75
C PHE A 154 8.18 14.53 -12.82
N LEU A 155 7.83 13.26 -12.67
CA LEU A 155 6.93 12.53 -13.60
C LEU A 155 5.73 12.02 -12.79
N ALA A 156 4.52 12.22 -13.32
CA ALA A 156 3.30 11.72 -12.68
C ALA A 156 2.46 11.09 -13.77
N VAL A 157 1.99 9.87 -13.54
CA VAL A 157 1.16 9.18 -14.51
C VAL A 157 -0.10 8.67 -13.85
N CYS A 158 -1.16 8.59 -14.65
CA CYS A 158 -2.44 8.09 -14.16
C CYS A 158 -3.32 7.56 -15.29
N SER A 159 -4.17 6.59 -14.98
CA SER A 159 -5.23 6.13 -15.89
C SER A 159 -6.08 7.28 -16.46
N GLU A 160 -6.43 8.25 -15.64
CA GLU A 160 -7.32 9.33 -16.05
C GLU A 160 -6.67 10.66 -15.65
N ALA A 161 -6.86 11.68 -16.48
CA ALA A 161 -6.27 13.02 -16.21
C ALA A 161 -6.74 13.62 -14.87
N LYS A 162 -7.91 13.20 -14.42
CA LYS A 162 -8.47 13.70 -13.16
C LYS A 162 -7.62 13.36 -11.93
N GLY A 163 -6.76 12.34 -12.04
CA GLY A 163 -5.82 11.99 -10.97
C GLY A 163 -4.50 12.74 -11.05
N LEU A 164 -4.35 13.65 -12.01
CA LEU A 164 -3.14 14.45 -12.15
C LEU A 164 -3.36 15.96 -11.97
N VAL A 165 -4.53 16.44 -12.30
CA VAL A 165 -4.77 17.90 -12.33
C VAL A 165 -4.75 18.63 -10.97
N THR A 166 -4.90 17.92 -9.86
CA THR A 166 -4.79 18.56 -8.52
C THR A 166 -3.45 18.30 -7.81
N LEU A 167 -2.46 17.76 -8.53
CA LEU A 167 -1.09 17.63 -8.01
C LEU A 167 -0.45 19.03 -7.96
N LYS A 168 0.28 19.30 -6.88
CA LYS A 168 0.99 20.58 -6.69
C LYS A 168 2.46 20.22 -6.62
N HIS A 169 3.24 20.61 -7.62
CA HIS A 169 4.69 20.40 -7.60
C HIS A 169 5.34 21.74 -7.30
N SER A 170 6.30 21.77 -6.36
CA SER A 170 7.04 22.99 -6.02
C SER A 170 7.74 23.58 -7.25
N ALA A 171 7.60 24.90 -7.42
CA ALA A 171 8.22 25.63 -8.54
C ALA A 171 7.70 25.26 -9.94
N THR A 172 6.45 24.81 -10.03
CA THR A 172 5.71 24.80 -11.30
C THR A 172 4.32 25.35 -11.04
N PRO A 173 4.01 26.56 -11.54
CA PRO A 173 2.65 27.08 -11.36
C PRO A 173 1.56 26.30 -12.12
N PHE A 174 1.94 25.58 -13.18
CA PHE A 174 0.98 24.81 -13.98
C PHE A 174 1.65 23.52 -14.46
N LEU A 175 0.99 22.40 -14.17
CA LEU A 175 1.50 21.08 -14.49
C LEU A 175 0.75 20.64 -15.74
N LYS A 176 1.47 20.53 -16.85
CA LYS A 176 0.89 20.21 -18.15
C LYS A 176 0.56 18.72 -18.13
N VAL A 177 -0.68 18.39 -18.46
CA VAL A 177 -1.14 17.00 -18.47
C VAL A 177 -1.49 16.64 -19.90
N GLU A 178 -1.00 15.50 -20.38
CA GLU A 178 -1.31 15.05 -21.73
C GLU A 178 -1.62 13.55 -21.84
N PRO A 179 -2.43 13.16 -22.84
CA PRO A 179 -2.59 11.73 -23.08
C PRO A 179 -1.26 11.10 -23.42
N PHE A 180 -1.03 9.88 -22.97
CA PHE A 180 0.09 9.10 -23.45
C PHE A 180 -0.36 8.35 -24.73
N LEU A 181 0.42 8.47 -25.81
CA LEU A 181 -0.05 8.04 -27.11
C LEU A 181 -0.20 6.52 -27.21
N PRO A 182 -1.31 6.07 -27.78
CA PRO A 182 -1.46 4.62 -28.03
C PRO A 182 -0.36 4.06 -28.89
N GLY A 183 0.01 2.82 -28.61
CA GLY A 183 0.94 2.11 -29.49
C GLY A 183 2.34 2.67 -29.37
N HIS A 184 2.64 3.31 -28.23
CA HIS A 184 3.98 3.78 -27.89
C HIS A 184 4.46 3.19 -26.56
N TYR A 185 5.79 3.07 -26.42
CA TYR A 185 6.43 3.01 -25.10
C TYR A 185 7.40 4.19 -24.92
N GLU A 186 7.62 4.56 -23.66
CA GLU A 186 8.64 5.56 -23.31
C GLU A 186 9.66 4.94 -22.36
N VAL A 187 10.92 5.32 -22.55
CA VAL A 187 12.01 4.96 -21.66
C VAL A 187 12.49 6.23 -20.96
N LEU A 188 12.59 6.15 -19.64
CA LEU A 188 13.13 7.25 -18.87
C LEU A 188 14.21 6.74 -17.95
N ASP A 189 15.23 7.59 -17.76
CA ASP A 189 16.30 7.31 -16.82
C ASP A 189 15.91 7.77 -15.43
N LEU A 190 16.06 6.86 -14.47
CA LEU A 190 15.93 7.16 -13.05
C LEU A 190 17.23 7.72 -12.49
N LYS A 191 17.16 8.92 -11.93
CA LYS A 191 18.35 9.59 -11.40
C LYS A 191 18.53 9.21 -9.92
N PRO A 192 19.73 9.45 -9.34
CA PRO A 192 19.94 8.99 -7.96
C PRO A 192 19.03 9.60 -6.90
N ASN A 193 18.52 10.79 -7.15
CA ASN A 193 17.59 11.47 -6.25
C ASN A 193 16.11 11.22 -6.56
N GLY A 194 15.80 10.27 -7.46
CA GLY A 194 14.41 9.91 -7.75
C GLY A 194 13.75 10.66 -8.88
N LYS A 195 14.40 11.71 -9.40
CA LYS A 195 13.90 12.40 -10.60
C LYS A 195 14.15 11.51 -11.80
N VAL A 196 13.49 11.84 -12.90
CA VAL A 196 13.62 11.06 -14.14
C VAL A 196 13.86 11.99 -15.31
N ALA A 197 14.49 11.46 -16.35
CA ALA A 197 14.66 12.23 -17.58
C ALA A 197 14.31 11.32 -18.75
N SER A 198 13.50 11.83 -19.66
CA SER A 198 13.10 11.01 -20.80
C SER A 198 14.28 10.70 -21.70
N VAL A 199 14.38 9.45 -22.15
CA VAL A 199 15.38 9.04 -23.12
C VAL A 199 14.75 8.97 -24.51
N GLU A 200 13.70 8.16 -24.66
CA GLU A 200 13.00 8.05 -25.95
C GLU A 200 11.53 7.71 -25.81
N MET A 201 10.77 8.19 -26.77
CA MET A 201 9.35 7.93 -26.91
C MET A 201 9.23 7.23 -28.26
N VAL A 202 8.78 5.98 -28.27
CA VAL A 202 8.94 5.06 -29.42
C VAL A 202 7.65 4.40 -29.88
N LYS A 203 7.35 4.50 -31.18
CA LYS A 203 6.21 3.80 -31.76
C LYS A 203 6.62 2.36 -31.91
N TYR A 204 5.80 1.44 -31.42
CA TYR A 204 6.09 -0.01 -31.63
C TYR A 204 5.04 -0.69 -32.51
N HIS A 205 5.44 -1.81 -33.12
CA HIS A 205 4.52 -2.66 -33.89
C HIS A 205 4.55 -4.04 -33.24
N HIS A 206 3.60 -4.87 -33.62
CA HIS A 206 3.53 -6.24 -33.08
C HIS A 206 4.68 -7.09 -33.61
N CYS A 207 5.14 -8.03 -32.81
CA CYS A 207 6.16 -9.01 -33.21
C CYS A 207 5.57 -10.41 -32.97
N ARG A 208 6.35 -11.47 -33.16
CA ARG A 208 5.83 -12.83 -32.85
C ARG A 208 5.85 -13.05 -31.33
N ASP A 209 4.80 -13.67 -30.79
CA ASP A 209 4.76 -14.02 -29.35
C ASP A 209 5.36 -15.42 -29.07
N VAL A 210 5.18 -16.33 -30.01
CA VAL A 210 5.85 -17.65 -30.01
C VAL A 210 6.32 -18.00 -31.44
N PHE A 223 -5.92 -9.78 -58.13
CA PHE A 223 -4.80 -9.92 -57.19
C PHE A 223 -4.56 -11.38 -56.82
N PRO A 224 -3.33 -11.71 -56.39
CA PRO A 224 -3.10 -13.02 -55.79
C PRO A 224 -3.95 -13.27 -54.52
N GLY A 225 -4.47 -14.49 -54.38
CA GLY A 225 -5.29 -14.90 -53.23
C GLY A 225 -6.47 -13.99 -52.87
N PHE A 226 -6.83 -13.96 -51.59
CA PHE A 226 -8.01 -13.21 -51.06
C PHE A 226 -9.33 -13.61 -51.76
N GLU A 227 -9.48 -14.91 -52.01
CA GLU A 227 -10.75 -15.45 -52.53
C GLU A 227 -11.80 -15.28 -51.44
N ILE A 228 -13.03 -14.94 -51.84
CA ILE A 228 -14.08 -14.55 -50.89
C ILE A 228 -14.39 -15.65 -49.87
N GLU A 229 -14.48 -16.92 -50.29
CA GLU A 229 -14.76 -17.98 -49.31
C GLU A 229 -13.63 -18.10 -48.28
N THR A 230 -12.39 -17.92 -48.72
CA THR A 230 -11.25 -17.95 -47.82
C THR A 230 -11.26 -16.75 -46.85
N VAL A 231 -11.52 -15.54 -47.36
CA VAL A 231 -11.63 -14.34 -46.53
C VAL A 231 -12.74 -14.52 -45.47
N LYS A 232 -13.92 -14.96 -45.89
CA LYS A 232 -15.04 -15.10 -44.94
C LYS A 232 -14.71 -16.14 -43.91
N ASN A 233 -14.10 -17.26 -44.32
CA ASN A 233 -13.75 -18.30 -43.36
C ASN A 233 -12.75 -17.84 -42.29
N ASN A 234 -11.68 -17.19 -42.75
CA ASN A 234 -10.67 -16.58 -41.85
C ASN A 234 -11.28 -15.56 -40.90
N LEU A 235 -12.13 -14.68 -41.41
CA LEU A 235 -12.79 -13.67 -40.54
C LEU A 235 -13.62 -14.32 -39.45
N ARG A 236 -14.34 -15.40 -39.78
CA ARG A 236 -15.12 -16.13 -38.78
C ARG A 236 -14.24 -16.72 -37.72
N ILE A 237 -13.14 -17.35 -38.14
CA ILE A 237 -12.24 -18.02 -37.23
C ILE A 237 -11.55 -16.97 -36.35
N LEU A 238 -11.01 -15.92 -36.96
CA LEU A 238 -10.31 -14.85 -36.19
C LEU A 238 -11.24 -14.13 -35.21
N PHE A 239 -12.48 -13.91 -35.60
CA PHE A 239 -13.44 -13.24 -34.70
C PHE A 239 -13.80 -14.14 -33.52
N ASN A 240 -14.02 -15.42 -33.81
CA ASN A 240 -14.31 -16.39 -32.78
C ASN A 240 -13.14 -16.48 -31.81
N ASN A 241 -11.92 -16.50 -32.33
CA ASN A 241 -10.71 -16.54 -31.50
C ASN A 241 -10.60 -15.27 -30.63
N ALA A 242 -10.97 -14.14 -31.22
CA ALA A 242 -10.91 -12.85 -30.53
C ALA A 242 -11.82 -12.85 -29.30
N VAL A 243 -13.03 -13.37 -29.47
CA VAL A 243 -13.99 -13.49 -28.38
C VAL A 243 -13.51 -14.59 -27.40
N LYS A 244 -13.11 -15.75 -27.90
CA LYS A 244 -12.63 -16.84 -27.02
C LYS A 244 -11.47 -16.44 -26.10
N LYS A 245 -10.46 -15.75 -26.64
CA LYS A 245 -9.29 -15.39 -25.80
C LYS A 245 -9.70 -14.36 -24.72
N ARG A 246 -10.77 -13.64 -25.00
CA ARG A 246 -11.37 -12.65 -24.09
C ARG A 246 -12.37 -13.28 -23.08
N LEU A 247 -12.45 -14.62 -23.01
CA LEU A 247 -13.12 -15.24 -21.88
C LEU A 247 -12.22 -15.35 -20.63
N MET A 248 -10.98 -14.89 -20.69
CA MET A 248 -10.00 -15.02 -19.57
C MET A 248 -10.41 -14.12 -18.41
N THR A 249 -10.97 -14.72 -17.37
CA THR A 249 -11.48 -14.00 -16.19
C THR A 249 -12.08 -15.02 -15.22
N ASP A 250 -11.95 -14.73 -13.94
CA ASP A 250 -12.64 -15.47 -12.87
C ASP A 250 -13.94 -14.79 -12.45
N ARG A 251 -14.31 -13.70 -13.12
CA ARG A 251 -15.55 -12.95 -12.83
C ARG A 251 -16.62 -13.23 -13.89
N ARG A 252 -17.81 -12.74 -13.61
CA ARG A 252 -18.92 -12.84 -14.54
C ARG A 252 -18.82 -11.91 -15.74
N ILE A 253 -18.97 -12.49 -16.95
CA ILE A 253 -19.00 -11.77 -18.21
C ILE A 253 -20.44 -11.45 -18.61
N GLY A 254 -20.66 -10.17 -18.96
CA GLY A 254 -21.88 -9.70 -19.60
C GLY A 254 -21.57 -8.95 -20.88
N CYS A 255 -22.63 -8.36 -21.46
CA CYS A 255 -22.51 -7.82 -22.80
C CYS A 255 -23.51 -6.72 -23.05
N LEU A 256 -23.03 -5.64 -23.65
CA LEU A 256 -23.93 -4.59 -24.12
C LEU A 256 -24.53 -5.05 -25.45
N LEU A 257 -25.84 -4.88 -25.59
CA LEU A 257 -26.55 -5.37 -26.76
C LEU A 257 -27.58 -4.34 -27.13
N SER A 258 -27.23 -3.49 -28.10
CA SER A 258 -28.10 -2.43 -28.62
C SER A 258 -29.03 -2.82 -29.77
N GLY A 259 -28.82 -3.99 -30.38
CA GLY A 259 -29.59 -4.41 -31.55
C GLY A 259 -28.97 -4.04 -32.90
N GLY A 260 -28.01 -3.12 -32.91
CA GLY A 260 -27.14 -2.89 -34.07
C GLY A 260 -26.35 -4.13 -34.44
N LEU A 261 -25.83 -4.13 -35.65
CA LEU A 261 -25.17 -5.32 -36.18
C LEU A 261 -23.95 -5.73 -35.32
N ASP A 262 -23.17 -4.76 -34.90
CA ASP A 262 -21.87 -5.05 -34.27
C ASP A 262 -22.03 -5.62 -32.89
N SER A 263 -22.84 -4.98 -32.04
CA SER A 263 -23.10 -5.52 -30.72
C SER A 263 -23.79 -6.88 -30.80
N SER A 264 -24.63 -7.07 -31.83
CA SER A 264 -25.34 -8.35 -32.03
C SER A 264 -24.40 -9.51 -32.36
N LEU A 265 -23.46 -9.26 -33.26
CA LEU A 265 -22.48 -10.26 -33.63
C LEU A 265 -21.58 -10.58 -32.44
N VAL A 266 -21.24 -9.55 -31.67
CA VAL A 266 -20.49 -9.78 -30.41
C VAL A 266 -21.28 -10.64 -29.42
N ALA A 267 -22.51 -10.23 -29.10
CA ALA A 267 -23.32 -10.97 -28.15
C ALA A 267 -23.54 -12.44 -28.52
N ALA A 268 -23.87 -12.65 -29.79
CA ALA A 268 -24.11 -13.98 -30.29
C ALA A 268 -22.87 -14.86 -30.30
N THR A 269 -21.75 -14.31 -30.75
CA THR A 269 -20.51 -15.09 -30.72
C THR A 269 -20.08 -15.37 -29.27
N LEU A 270 -20.26 -14.38 -28.40
CA LEU A 270 -19.90 -14.54 -27.00
C LEU A 270 -20.68 -15.69 -26.35
N LEU A 271 -21.99 -15.74 -26.56
CA LEU A 271 -22.84 -16.80 -25.92
C LEU A 271 -22.41 -18.15 -26.42
N LYS A 272 -22.17 -18.26 -27.72
CA LYS A 272 -21.67 -19.50 -28.33
C LYS A 272 -20.34 -19.91 -27.69
N GLN A 273 -19.44 -18.96 -27.48
CA GLN A 273 -18.14 -19.29 -26.87
C GLN A 273 -18.25 -19.64 -25.36
N LEU A 274 -19.16 -18.99 -24.64
CA LEU A 274 -19.44 -19.33 -23.24
C LEU A 274 -19.97 -20.75 -23.13
N LYS A 275 -20.87 -21.13 -24.05
CA LYS A 275 -21.37 -22.51 -24.07
C LYS A 275 -20.29 -23.53 -24.36
N GLU A 276 -19.45 -23.26 -25.36
CA GLU A 276 -18.34 -24.17 -25.68
C GLU A 276 -17.39 -24.35 -24.50
N ALA A 277 -17.24 -23.30 -23.69
CA ALA A 277 -16.41 -23.34 -22.47
C ALA A 277 -17.14 -23.90 -21.22
N GLN A 278 -18.42 -24.28 -21.39
CA GLN A 278 -19.24 -24.87 -20.31
C GLN A 278 -19.43 -23.93 -19.14
N VAL A 279 -19.55 -22.65 -19.46
CA VAL A 279 -19.84 -21.66 -18.46
C VAL A 279 -21.28 -21.90 -17.99
N GLN A 280 -21.49 -21.74 -16.69
CA GLN A 280 -22.74 -22.19 -16.04
C GLN A 280 -23.73 -21.09 -15.75
N TYR A 281 -23.30 -19.84 -15.86
CA TYR A 281 -24.20 -18.70 -15.64
C TYR A 281 -24.80 -18.25 -16.95
N PRO A 282 -26.05 -17.77 -16.91
CA PRO A 282 -26.65 -17.15 -18.10
C PRO A 282 -25.85 -15.89 -18.49
N LEU A 283 -25.77 -15.62 -19.77
CA LEU A 283 -25.16 -14.36 -20.24
C LEU A 283 -26.16 -13.26 -20.04
N GLN A 284 -25.82 -12.26 -19.23
CA GLN A 284 -26.67 -11.10 -19.09
C GLN A 284 -26.31 -10.05 -20.18
N THR A 285 -27.33 -9.57 -20.90
CA THR A 285 -27.19 -8.56 -21.95
C THR A 285 -27.97 -7.35 -21.54
N PHE A 286 -27.50 -6.18 -21.97
CA PHE A 286 -28.03 -4.90 -21.49
C PHE A 286 -28.22 -3.94 -22.64
N ALA A 287 -29.44 -3.42 -22.78
CA ALA A 287 -29.74 -2.37 -23.74
C ALA A 287 -30.34 -1.20 -23.00
N ILE A 288 -30.16 -0.02 -23.56
CA ILE A 288 -30.71 1.21 -22.98
C ILE A 288 -31.22 2.08 -24.13
N GLY A 289 -32.31 2.79 -23.87
CA GLY A 289 -32.94 3.67 -24.88
C GLY A 289 -34.19 4.35 -24.33
N MET A 290 -34.76 5.27 -25.09
CA MET A 290 -36.08 5.82 -24.75
C MET A 290 -37.14 4.87 -25.28
N GLU A 291 -38.16 4.60 -24.45
CA GLU A 291 -39.10 3.47 -24.68
C GLU A 291 -39.80 3.48 -26.04
N ASP A 292 -40.14 2.29 -26.52
CA ASP A 292 -40.62 2.06 -27.89
C ASP A 292 -39.60 2.50 -28.95
N SER A 293 -38.31 2.39 -28.66
CA SER A 293 -37.26 2.65 -29.66
C SER A 293 -37.25 1.49 -30.64
N PRO A 294 -36.91 1.76 -31.92
CA PRO A 294 -36.69 0.64 -32.83
C PRO A 294 -35.45 -0.17 -32.44
N ASP A 295 -34.43 0.52 -31.92
CA ASP A 295 -33.18 -0.11 -31.47
C ASP A 295 -33.41 -1.08 -30.30
N LEU A 296 -34.26 -0.70 -29.34
CA LEU A 296 -34.60 -1.57 -28.21
C LEU A 296 -35.35 -2.83 -28.65
N LEU A 297 -36.26 -2.71 -29.64
CA LEU A 297 -36.92 -3.91 -30.19
C LEU A 297 -35.93 -4.80 -30.91
N ALA A 298 -34.96 -4.19 -31.59
CA ALA A 298 -33.91 -4.95 -32.26
C ALA A 298 -33.06 -5.74 -31.26
N ALA A 299 -32.65 -5.05 -30.18
CA ALA A 299 -31.93 -5.69 -29.07
C ALA A 299 -32.69 -6.87 -28.45
N ARG A 300 -33.99 -6.69 -28.21
CA ARG A 300 -34.82 -7.75 -27.61
C ARG A 300 -34.93 -8.95 -28.56
N LYS A 301 -35.06 -8.66 -29.85
CA LYS A 301 -35.08 -9.69 -30.88
C LYS A 301 -33.81 -10.55 -30.88
N VAL A 302 -32.66 -9.91 -30.74
CA VAL A 302 -31.38 -10.66 -30.73
C VAL A 302 -31.27 -11.53 -29.46
N ALA A 303 -31.64 -10.92 -28.34
CA ALA A 303 -31.61 -11.57 -27.05
C ALA A 303 -32.40 -12.87 -27.04
N ASP A 304 -33.63 -12.79 -27.56
CA ASP A 304 -34.49 -13.97 -27.67
C ASP A 304 -33.92 -15.01 -28.64
N HIS A 305 -33.30 -14.56 -29.73
CA HIS A 305 -32.68 -15.47 -30.70
C HIS A 305 -31.50 -16.24 -30.10
N ILE A 306 -30.61 -15.55 -29.41
CA ILE A 306 -29.44 -16.19 -28.78
C ILE A 306 -29.72 -16.83 -27.41
N GLY A 307 -30.78 -16.37 -26.75
CA GLY A 307 -31.21 -16.89 -25.45
C GLY A 307 -30.41 -16.28 -24.30
N SER A 308 -30.25 -14.96 -24.30
CA SER A 308 -29.62 -14.30 -23.16
C SER A 308 -30.63 -13.89 -22.12
N GLU A 309 -30.14 -13.50 -20.95
CA GLU A 309 -30.92 -12.97 -19.85
C GLU A 309 -30.83 -11.47 -20.07
N HIS A 310 -31.89 -10.86 -20.61
CA HIS A 310 -31.82 -9.53 -21.20
C HIS A 310 -32.44 -8.49 -20.28
N TYR A 311 -31.74 -7.37 -20.11
CA TYR A 311 -32.22 -6.24 -19.31
C TYR A 311 -32.41 -5.08 -20.25
N GLU A 312 -33.62 -4.52 -20.25
CA GLU A 312 -33.92 -3.35 -21.05
C GLU A 312 -34.13 -2.16 -20.13
N VAL A 313 -33.25 -1.16 -20.24
CA VAL A 313 -33.26 -0.02 -19.33
C VAL A 313 -33.79 1.17 -20.09
N LEU A 314 -34.76 1.87 -19.50
CA LEU A 314 -35.37 3.02 -20.14
C LEU A 314 -34.77 4.27 -19.54
N PHE A 315 -34.16 5.13 -20.36
CA PHE A 315 -33.67 6.39 -19.77
C PHE A 315 -34.60 7.56 -20.08
N ASN A 316 -34.75 8.40 -19.06
CA ASN A 316 -35.57 9.59 -19.06
C ASN A 316 -34.76 10.80 -19.56
N SER A 317 -35.40 11.66 -20.35
CA SER A 317 -34.81 12.93 -20.79
C SER A 317 -34.19 13.70 -19.62
N GLU A 318 -34.97 13.85 -18.54
CA GLU A 318 -34.51 14.57 -17.33
C GLU A 318 -33.30 13.92 -16.66
N GLU A 319 -33.35 12.59 -16.51
CA GLU A 319 -32.21 11.82 -16.00
C GLU A 319 -30.94 12.04 -16.87
N GLY A 320 -31.12 12.01 -18.19
CA GLY A 320 -29.99 12.17 -19.13
C GLY A 320 -29.32 13.52 -19.02
N ILE A 321 -30.15 14.58 -19.04
CA ILE A 321 -29.69 15.95 -18.85
C ILE A 321 -29.02 16.09 -17.49
N GLN A 322 -29.64 15.50 -16.47
CA GLN A 322 -29.12 15.56 -15.11
C GLN A 322 -27.74 14.86 -14.99
N ALA A 323 -27.49 13.86 -15.83
CA ALA A 323 -26.19 13.16 -15.82
C ALA A 323 -25.05 13.86 -16.59
N LEU A 324 -25.35 14.89 -17.39
CA LEU A 324 -24.31 15.50 -18.24
C LEU A 324 -23.11 15.96 -17.43
N ASP A 325 -23.34 16.59 -16.29
CA ASP A 325 -22.24 17.12 -15.51
C ASP A 325 -21.23 16.06 -15.10
N GLU A 326 -21.70 14.95 -14.51
CA GLU A 326 -20.81 13.90 -14.04
C GLU A 326 -20.28 13.07 -15.22
N VAL A 327 -21.04 12.97 -16.31
CA VAL A 327 -20.56 12.30 -17.53
C VAL A 327 -19.35 13.02 -18.14
N ILE A 328 -19.44 14.33 -18.28
CA ILE A 328 -18.32 15.10 -18.82
C ILE A 328 -17.11 15.08 -17.85
N PHE A 329 -17.38 15.08 -16.54
CA PHE A 329 -16.35 14.86 -15.55
C PHE A 329 -15.62 13.51 -15.78
N SER A 330 -16.40 12.45 -16.00
CA SER A 330 -15.81 11.13 -16.26
C SER A 330 -15.00 11.11 -17.55
N LEU A 331 -15.56 11.65 -18.63
CA LEU A 331 -14.94 11.63 -19.94
C LEU A 331 -13.65 12.43 -20.06
N GLU A 332 -13.65 13.63 -19.50
CA GLU A 332 -12.50 14.56 -19.64
C GLU A 332 -12.36 14.97 -21.12
N THR A 333 -13.49 15.12 -21.78
CA THR A 333 -13.49 15.72 -23.09
C THR A 333 -14.80 16.39 -23.37
N TYR A 334 -14.81 17.14 -24.46
CA TYR A 334 -15.95 17.98 -24.83
C TYR A 334 -16.44 17.76 -26.28
N ASP A 335 -15.95 16.73 -26.98
CA ASP A 335 -16.42 16.37 -28.32
C ASP A 335 -17.90 16.06 -28.30
N ILE A 336 -18.67 16.71 -29.18
CA ILE A 336 -20.14 16.54 -29.21
C ILE A 336 -20.59 15.08 -29.41
N THR A 337 -20.10 14.44 -30.45
CA THR A 337 -20.50 13.05 -30.74
C THR A 337 -20.27 12.17 -29.52
N THR A 338 -19.08 12.30 -28.93
CA THR A 338 -18.66 11.52 -27.74
C THR A 338 -19.58 11.78 -26.53
N VAL A 339 -19.80 13.05 -26.19
CA VAL A 339 -20.65 13.42 -25.04
C VAL A 339 -22.09 12.89 -25.23
N ARG A 340 -22.67 13.10 -26.40
CA ARG A 340 -24.05 12.61 -26.69
C ARG A 340 -24.27 11.14 -26.38
N ALA A 341 -23.36 10.31 -26.91
CA ALA A 341 -23.45 8.86 -26.78
C ALA A 341 -23.02 8.37 -25.39
N SER A 342 -22.24 9.16 -24.66
CA SER A 342 -21.71 8.73 -23.36
C SER A 342 -22.76 8.72 -22.26
N VAL A 343 -23.83 9.50 -22.42
CA VAL A 343 -24.84 9.58 -21.38
C VAL A 343 -25.51 8.21 -21.20
N GLY A 344 -25.96 7.61 -22.30
CA GLY A 344 -26.57 6.28 -22.26
C GLY A 344 -25.61 5.20 -21.77
N MET A 345 -24.36 5.24 -22.24
CA MET A 345 -23.39 4.21 -21.81
C MET A 345 -23.06 4.30 -20.32
N TYR A 346 -22.99 5.52 -19.80
CA TYR A 346 -22.75 5.78 -18.36
C TYR A 346 -23.90 5.26 -17.52
N LEU A 347 -25.12 5.54 -17.95
CA LEU A 347 -26.30 5.13 -17.23
C LEU A 347 -26.52 3.60 -17.29
N ILE A 348 -26.25 2.97 -18.42
CA ILE A 348 -26.38 1.52 -18.48
C ILE A 348 -25.32 0.88 -17.59
N SER A 349 -24.10 1.43 -17.59
CA SER A 349 -23.03 0.96 -16.70
C SER A 349 -23.38 1.09 -15.21
N LYS A 350 -23.98 2.21 -14.82
CA LYS A 350 -24.50 2.38 -13.48
C LYS A 350 -25.49 1.27 -13.10
N TYR A 351 -26.38 0.96 -14.04
CA TYR A 351 -27.43 -0.04 -13.82
C TYR A 351 -26.82 -1.41 -13.68
N ILE A 352 -25.86 -1.68 -14.53
CA ILE A 352 -25.17 -2.99 -14.49
C ILE A 352 -24.52 -3.21 -13.12
N ARG A 353 -23.78 -2.19 -12.65
CA ARG A 353 -23.06 -2.30 -11.39
C ARG A 353 -24.04 -2.41 -10.21
N LYS A 354 -25.10 -1.63 -10.27
CA LYS A 354 -26.12 -1.59 -9.21
C LYS A 354 -26.88 -2.90 -9.11
N ASN A 355 -27.28 -3.47 -10.23
CA ASN A 355 -28.30 -4.53 -10.25
C ASN A 355 -27.80 -5.97 -10.50
N THR A 356 -26.57 -6.13 -10.98
CA THR A 356 -26.08 -7.46 -11.35
C THR A 356 -24.66 -7.61 -10.86
N ASP A 357 -24.13 -8.82 -11.01
CA ASP A 357 -22.70 -9.08 -10.76
C ASP A 357 -21.87 -9.28 -12.06
N SER A 358 -22.40 -8.86 -13.20
CA SER A 358 -21.64 -8.80 -14.42
C SER A 358 -20.59 -7.69 -14.32
N VAL A 359 -19.32 -8.06 -14.49
CA VAL A 359 -18.19 -7.14 -14.36
C VAL A 359 -17.36 -6.99 -15.64
N VAL A 360 -17.18 -8.05 -16.41
CA VAL A 360 -16.43 -8.01 -17.66
C VAL A 360 -17.48 -7.80 -18.74
N ILE A 361 -17.52 -6.60 -19.34
CA ILE A 361 -18.59 -6.21 -20.29
C ILE A 361 -18.09 -6.09 -21.73
N PHE A 362 -18.53 -7.01 -22.61
CA PHE A 362 -18.22 -6.97 -24.03
C PHE A 362 -18.98 -5.83 -24.71
N SER A 363 -18.35 -5.18 -25.67
CA SER A 363 -19.02 -4.15 -26.48
C SER A 363 -18.49 -4.17 -27.91
N GLY A 364 -19.16 -3.45 -28.81
CA GLY A 364 -18.83 -3.49 -30.25
C GLY A 364 -17.94 -2.40 -30.84
N GLU A 365 -17.35 -1.55 -30.01
CA GLU A 365 -16.52 -0.43 -30.50
C GLU A 365 -15.33 -0.90 -31.34
N GLY A 366 -15.03 -0.10 -32.36
CA GLY A 366 -13.97 -0.41 -33.31
C GLY A 366 -14.47 -0.88 -34.66
N SER A 367 -15.65 -1.51 -34.71
N SER A 367 -15.66 -1.50 -34.67
CA SER A 367 -16.12 -2.15 -35.94
CA SER A 367 -16.22 -2.15 -35.86
C SER A 367 -16.32 -1.14 -37.07
C SER A 367 -16.37 -1.19 -37.03
N ASP A 368 -17.01 -0.04 -36.77
CA ASP A 368 -17.27 0.98 -37.81
C ASP A 368 -16.01 1.57 -38.42
N GLU A 369 -14.99 1.77 -37.58
CA GLU A 369 -13.75 2.37 -38.01
C GLU A 369 -12.97 1.37 -38.86
N LEU A 370 -13.02 0.11 -38.43
CA LEU A 370 -12.28 -0.94 -39.07
C LEU A 370 -12.89 -1.31 -40.43
N THR A 371 -14.22 -1.39 -40.46
CA THR A 371 -14.98 -1.86 -41.62
C THR A 371 -15.58 -0.75 -42.47
N GLN A 372 -15.28 0.52 -42.16
CA GLN A 372 -15.74 1.66 -42.98
C GLN A 372 -17.27 1.71 -42.98
N GLY A 373 -17.83 1.62 -41.77
CA GLY A 373 -19.24 1.43 -41.57
C GLY A 373 -20.03 2.71 -41.45
N TYR A 374 -19.35 3.83 -41.23
CA TYR A 374 -20.05 5.10 -41.12
C TYR A 374 -20.58 5.52 -42.50
N ILE A 375 -21.77 6.13 -42.50
CA ILE A 375 -22.51 6.48 -43.73
C ILE A 375 -21.66 7.29 -44.70
N TYR A 376 -20.90 8.25 -44.17
CA TYR A 376 -20.08 9.12 -45.02
C TYR A 376 -19.03 8.41 -45.89
N PHE A 377 -18.67 7.17 -45.55
CA PHE A 377 -17.79 6.36 -46.40
C PHE A 377 -18.40 6.04 -47.76
N HIS A 378 -19.73 6.15 -47.90
CA HIS A 378 -20.40 6.07 -49.21
C HIS A 378 -19.97 7.17 -50.19
N LYS A 379 -19.38 8.26 -49.68
CA LYS A 379 -18.91 9.39 -50.50
C LYS A 379 -17.37 9.53 -50.61
N ALA A 380 -16.65 8.41 -50.58
CA ALA A 380 -15.17 8.43 -50.58
C ALA A 380 -14.59 8.46 -52.01
N PRO A 381 -13.72 9.44 -52.32
CA PRO A 381 -13.06 9.52 -53.65
C PRO A 381 -12.41 8.26 -54.24
N SER A 382 -11.97 7.31 -53.41
CA SER A 382 -11.37 6.05 -53.91
C SER A 382 -11.33 4.99 -52.79
N PRO A 383 -10.93 3.73 -53.13
CA PRO A 383 -10.67 2.76 -52.05
C PRO A 383 -9.46 3.11 -51.16
N GLU A 384 -8.44 3.74 -51.75
CA GLU A 384 -7.24 4.23 -51.04
C GLU A 384 -7.48 5.44 -50.13
N LYS A 385 -8.37 6.35 -50.54
CA LYS A 385 -8.79 7.47 -49.67
C LYS A 385 -9.71 7.00 -48.54
N ALA A 386 -10.52 5.97 -48.82
CA ALA A 386 -11.38 5.33 -47.81
C ALA A 386 -10.54 4.57 -46.79
N GLU A 387 -9.60 3.77 -47.29
CA GLU A 387 -8.67 2.99 -46.47
C GLU A 387 -7.86 3.90 -45.53
N GLU A 388 -7.41 5.03 -46.06
CA GLU A 388 -6.67 6.05 -45.31
C GLU A 388 -7.50 6.68 -44.19
N GLU A 389 -8.76 6.97 -44.50
CA GLU A 389 -9.70 7.50 -43.53
C GLU A 389 -9.98 6.50 -42.39
N SER A 390 -10.08 5.20 -42.74
CA SER A 390 -10.20 4.13 -41.74
C SER A 390 -8.97 4.15 -40.82
N GLU A 391 -7.78 4.37 -41.37
CA GLU A 391 -6.56 4.42 -40.57
C GLU A 391 -6.50 5.61 -39.60
N ARG A 392 -6.90 6.79 -40.05
CA ARG A 392 -7.07 7.95 -39.18
C ARG A 392 -8.11 7.72 -38.07
N LEU A 393 -9.26 7.17 -38.40
CA LEU A 393 -10.30 6.87 -37.40
C LEU A 393 -9.79 5.92 -36.29
N LEU A 394 -9.10 4.85 -36.69
CA LEU A 394 -8.49 3.90 -35.74
C LEU A 394 -7.40 4.55 -34.85
N ARG A 395 -6.54 5.39 -35.44
CA ARG A 395 -5.53 6.13 -34.70
C ARG A 395 -6.15 7.10 -33.71
N GLU A 396 -7.37 7.57 -33.99
CA GLU A 396 -8.01 8.58 -33.12
C GLU A 396 -9.07 8.05 -32.14
N LEU A 397 -9.30 6.73 -32.17
CA LEU A 397 -10.31 6.12 -31.32
C LEU A 397 -10.16 6.51 -29.83
N TYR A 398 -8.91 6.62 -29.38
CA TYR A 398 -8.61 6.88 -27.99
C TYR A 398 -9.07 8.24 -27.52
N LEU A 399 -9.40 9.12 -28.45
CA LEU A 399 -9.97 10.43 -28.14
C LEU A 399 -11.49 10.42 -28.13
N PHE A 400 -12.06 9.43 -28.83
CA PHE A 400 -13.50 9.43 -29.16
C PHE A 400 -14.20 8.17 -28.65
N ASP A 401 -14.57 7.23 -29.52
CA ASP A 401 -15.43 6.12 -29.12
C ASP A 401 -14.83 5.24 -27.99
N VAL A 402 -13.52 5.05 -28.05
CA VAL A 402 -12.80 4.20 -27.08
C VAL A 402 -12.53 4.94 -25.79
N LEU A 403 -12.40 6.28 -25.85
CA LEU A 403 -12.49 7.09 -24.64
C LEU A 403 -13.85 6.87 -23.97
N ARG A 404 -14.93 7.06 -24.73
CA ARG A 404 -16.28 6.90 -24.15
C ARG A 404 -16.43 5.52 -23.52
N ALA A 405 -16.05 4.49 -24.26
CA ALA A 405 -16.28 3.10 -23.85
C ALA A 405 -15.52 2.80 -22.58
N ASP A 406 -14.29 3.31 -22.47
CA ASP A 406 -13.53 3.09 -21.25
C ASP A 406 -14.03 3.93 -20.11
N ARG A 407 -14.17 5.24 -20.32
CA ARG A 407 -14.43 6.10 -19.17
C ARG A 407 -15.78 5.81 -18.52
N THR A 408 -16.79 5.51 -19.33
CA THR A 408 -18.14 5.36 -18.81
C THR A 408 -18.37 4.00 -18.16
N THR A 409 -17.62 2.96 -18.55
CA THR A 409 -17.75 1.66 -17.87
C THR A 409 -16.89 1.67 -16.62
N ALA A 410 -15.66 2.19 -16.75
CA ALA A 410 -14.75 2.24 -15.62
C ALA A 410 -15.25 3.18 -14.50
N ALA A 411 -16.06 4.16 -14.85
CA ALA A 411 -16.71 5.03 -13.84
C ALA A 411 -17.50 4.24 -12.80
N HIS A 412 -17.97 3.04 -13.16
CA HIS A 412 -18.78 2.20 -12.29
C HIS A 412 -18.14 0.87 -11.94
N GLY A 413 -16.80 0.78 -12.07
CA GLY A 413 -16.10 -0.41 -11.64
C GLY A 413 -16.32 -1.62 -12.53
N LEU A 414 -16.53 -1.40 -13.85
CA LEU A 414 -16.69 -2.48 -14.82
C LEU A 414 -15.48 -2.52 -15.76
N GLU A 415 -15.19 -3.69 -16.32
CA GLU A 415 -14.08 -3.80 -17.28
C GLU A 415 -14.59 -4.03 -18.71
N LEU A 416 -14.25 -3.10 -19.60
CA LEU A 416 -14.59 -3.16 -21.02
C LEU A 416 -13.73 -4.18 -21.80
N ARG A 417 -14.37 -4.97 -22.67
CA ARG A 417 -13.64 -5.78 -23.67
C ARG A 417 -14.24 -5.56 -25.03
N VAL A 418 -13.36 -5.40 -26.04
CA VAL A 418 -13.74 -4.94 -27.39
C VAL A 418 -13.09 -5.81 -28.46
N PRO A 419 -13.76 -6.92 -28.83
CA PRO A 419 -13.13 -7.89 -29.72
C PRO A 419 -12.90 -7.46 -31.18
N PHE A 420 -13.60 -6.44 -31.67
CA PHE A 420 -13.31 -5.92 -33.00
C PHE A 420 -11.92 -5.35 -33.07
N LEU A 421 -11.35 -4.92 -31.93
CA LEU A 421 -10.00 -4.37 -31.98
C LEU A 421 -8.92 -5.41 -31.70
N ASP A 422 -9.30 -6.68 -31.69
CA ASP A 422 -8.35 -7.78 -31.59
C ASP A 422 -7.23 -7.63 -32.61
N HIS A 423 -6.01 -7.88 -32.15
CA HIS A 423 -4.84 -7.62 -32.99
C HIS A 423 -4.84 -8.47 -34.28
N ARG A 424 -5.02 -9.78 -34.14
CA ARG A 424 -5.03 -10.69 -35.30
C ARG A 424 -6.23 -10.49 -36.25
N PHE A 425 -7.42 -10.30 -35.66
CA PHE A 425 -8.65 -10.02 -36.44
C PHE A 425 -8.53 -8.70 -37.18
N SER A 426 -8.17 -7.62 -36.47
CA SER A 426 -8.06 -6.28 -37.12
C SER A 426 -6.94 -6.22 -38.18
N SER A 427 -5.78 -6.79 -37.87
CA SER A 427 -4.66 -6.86 -38.83
C SER A 427 -5.04 -7.59 -40.11
N TYR A 428 -5.77 -8.70 -39.97
CA TYR A 428 -6.21 -9.46 -41.15
C TYR A 428 -7.19 -8.66 -41.98
N TYR A 429 -8.20 -8.08 -41.33
CA TYR A 429 -9.14 -7.23 -42.05
C TYR A 429 -8.45 -6.06 -42.79
N LEU A 430 -7.50 -5.41 -42.14
CA LEU A 430 -6.75 -4.30 -42.74
C LEU A 430 -5.80 -4.72 -43.89
N SER A 431 -5.40 -5.99 -43.90
CA SER A 431 -4.58 -6.55 -44.98
C SER A 431 -5.39 -6.84 -46.25
N LEU A 432 -6.73 -6.77 -46.21
CA LEU A 432 -7.56 -7.17 -47.35
C LEU A 432 -7.47 -6.15 -48.46
N PRO A 433 -7.52 -6.59 -49.73
CA PRO A 433 -7.52 -5.63 -50.84
C PRO A 433 -8.58 -4.54 -50.62
N PRO A 434 -8.21 -3.24 -50.77
CA PRO A 434 -9.13 -2.16 -50.36
C PRO A 434 -10.51 -2.22 -51.03
N GLU A 435 -10.57 -2.92 -52.15
CA GLU A 435 -11.74 -3.02 -52.99
C GLU A 435 -12.71 -4.11 -52.53
N MET A 436 -12.23 -5.04 -51.73
CA MET A 436 -13.13 -5.97 -51.04
C MET A 436 -13.78 -5.35 -49.80
N ARG A 437 -13.22 -4.24 -49.35
CA ARG A 437 -13.68 -3.56 -48.14
C ARG A 437 -14.61 -2.37 -48.41
N ILE A 438 -14.60 -1.80 -49.63
CA ILE A 438 -15.58 -0.73 -49.94
C ILE A 438 -16.95 -1.37 -50.24
N PRO A 439 -18.05 -0.64 -49.94
CA PRO A 439 -19.40 -1.16 -50.24
C PRO A 439 -19.67 -1.23 -51.76
N LYS A 440 -19.72 -2.45 -52.29
CA LYS A 440 -19.99 -2.69 -53.72
C LYS A 440 -21.48 -2.93 -54.02
N ASN A 441 -22.21 -3.53 -53.08
CA ASN A 441 -23.66 -3.76 -53.24
C ASN A 441 -24.53 -2.53 -52.94
N GLY A 442 -24.01 -1.57 -52.19
CA GLY A 442 -24.78 -0.42 -51.72
C GLY A 442 -25.19 -0.51 -50.25
N ILE A 443 -24.61 -1.45 -49.49
CA ILE A 443 -24.78 -1.50 -48.03
C ILE A 443 -23.40 -1.56 -47.34
N GLU A 444 -23.26 -0.78 -46.27
CA GLU A 444 -22.04 -0.73 -45.46
C GLU A 444 -21.82 -2.08 -44.78
N LYS A 445 -20.56 -2.49 -44.73
CA LYS A 445 -20.12 -3.68 -43.99
C LYS A 445 -20.65 -4.95 -44.59
N HIS A 446 -20.71 -4.98 -45.91
CA HIS A 446 -21.33 -6.07 -46.62
C HIS A 446 -20.53 -7.36 -46.42
N LEU A 447 -19.20 -7.24 -46.45
CA LEU A 447 -18.33 -8.39 -46.22
C LEU A 447 -18.57 -8.97 -44.84
N LEU A 448 -18.59 -8.10 -43.84
CA LEU A 448 -18.84 -8.49 -42.45
C LEU A 448 -20.17 -9.25 -42.35
N ARG A 449 -21.21 -8.74 -43.02
CA ARG A 449 -22.52 -9.41 -43.01
C ARG A 449 -22.49 -10.77 -43.71
N GLU A 450 -21.84 -10.84 -44.86
CA GLU A 450 -21.70 -12.13 -45.58
C GLU A 450 -20.89 -13.13 -44.81
N THR A 451 -19.93 -12.65 -44.02
CA THR A 451 -19.09 -13.54 -43.25
C THR A 451 -19.93 -14.40 -42.31
N PHE A 452 -20.98 -13.81 -41.77
CA PHE A 452 -21.82 -14.44 -40.74
C PHE A 452 -23.21 -14.88 -41.23
N GLU A 453 -23.47 -14.86 -42.54
CA GLU A 453 -24.83 -15.17 -43.04
C GLU A 453 -25.23 -16.66 -43.06
N ASP A 454 -24.26 -17.55 -43.03
CA ASP A 454 -24.49 -19.01 -42.99
C ASP A 454 -24.59 -19.53 -41.56
N SER A 455 -24.29 -18.69 -40.57
CA SER A 455 -24.14 -19.11 -39.18
C SER A 455 -25.48 -19.33 -38.47
N ASN A 456 -26.54 -18.69 -38.95
CA ASN A 456 -27.79 -18.50 -38.18
C ASN A 456 -27.45 -17.89 -36.80
N LEU A 457 -26.50 -16.95 -36.81
CA LEU A 457 -25.94 -16.42 -35.58
C LEU A 457 -26.90 -15.42 -34.99
N ILE A 458 -27.44 -14.57 -35.86
CA ILE A 458 -28.42 -13.57 -35.49
C ILE A 458 -29.58 -13.64 -36.52
N PRO A 459 -30.74 -13.04 -36.22
CA PRO A 459 -31.85 -13.07 -37.23
C PRO A 459 -31.48 -12.35 -38.51
N LYS A 460 -31.84 -12.90 -39.67
CA LYS A 460 -31.47 -12.30 -40.97
C LYS A 460 -31.87 -10.84 -41.11
N GLU A 461 -33.04 -10.48 -40.58
CA GLU A 461 -33.48 -9.07 -40.53
C GLU A 461 -32.50 -8.10 -39.86
N ILE A 462 -31.83 -8.54 -38.80
CA ILE A 462 -30.82 -7.72 -38.10
C ILE A 462 -29.51 -7.73 -38.89
N LEU A 463 -29.11 -8.92 -39.37
CA LEU A 463 -27.89 -9.07 -40.19
C LEU A 463 -27.86 -8.15 -41.40
N TRP A 464 -29.02 -7.84 -41.99
CA TRP A 464 -29.08 -7.02 -43.20
C TRP A 464 -29.71 -5.63 -43.00
N ARG A 465 -29.91 -5.20 -41.75
CA ARG A 465 -30.44 -3.85 -41.41
C ARG A 465 -29.36 -2.75 -41.53
N PRO A 466 -29.65 -1.60 -42.19
CA PRO A 466 -28.65 -0.50 -42.29
C PRO A 466 -28.20 0.11 -40.96
N SER A 480 -35.23 10.86 -30.50
CA SER A 480 -35.08 12.30 -30.32
C SER A 480 -34.41 12.68 -28.97
N TRP A 481 -33.39 11.91 -28.57
CA TRP A 481 -32.50 12.32 -27.47
C TRP A 481 -31.67 13.53 -27.94
N PHE A 482 -31.15 13.44 -29.17
CA PHE A 482 -30.48 14.57 -29.84
C PHE A 482 -31.31 15.87 -29.83
N LYS A 483 -32.61 15.78 -30.12
CA LYS A 483 -33.49 16.96 -30.14
C LYS A 483 -33.72 17.51 -28.72
N ILE A 484 -33.81 16.62 -27.73
CA ILE A 484 -34.01 17.02 -26.34
C ILE A 484 -32.80 17.77 -25.76
N LEU A 485 -31.60 17.35 -26.15
CA LEU A 485 -30.37 18.10 -25.85
C LEU A 485 -30.35 19.49 -26.49
N GLN A 486 -30.73 19.60 -27.78
CA GLN A 486 -30.79 20.90 -28.48
C GLN A 486 -31.64 21.89 -27.70
N GLU A 487 -32.86 21.46 -27.37
CA GLU A 487 -33.81 22.34 -26.70
C GLU A 487 -33.33 22.77 -25.32
N TYR A 488 -32.61 21.88 -24.63
CA TYR A 488 -32.08 22.20 -23.32
C TYR A 488 -30.90 23.19 -23.36
N VAL A 489 -29.94 23.00 -24.28
CA VAL A 489 -28.79 23.93 -24.42
C VAL A 489 -29.20 25.29 -25.04
N GLU A 490 -30.27 25.28 -25.83
CA GLU A 490 -30.89 26.51 -26.35
C GLU A 490 -31.23 27.49 -25.23
N HIS A 491 -31.79 26.96 -24.13
CA HIS A 491 -32.12 27.77 -22.94
C HIS A 491 -30.89 28.14 -22.11
N GLN A 492 -29.81 27.36 -22.20
CA GLN A 492 -28.64 27.57 -21.32
C GLN A 492 -27.54 28.47 -21.89
N VAL A 493 -27.47 28.57 -23.22
CA VAL A 493 -26.49 29.38 -23.92
C VAL A 493 -27.24 30.44 -24.71
N ASP A 494 -27.06 31.72 -24.36
CA ASP A 494 -27.74 32.81 -25.08
C ASP A 494 -26.92 33.18 -26.31
N ASP A 495 -27.49 34.04 -27.15
CA ASP A 495 -26.85 34.41 -28.43
C ASP A 495 -25.57 35.21 -28.26
N ALA A 496 -25.51 36.04 -27.21
CA ALA A 496 -24.30 36.84 -26.90
C ALA A 496 -23.13 35.94 -26.47
N MET A 497 -23.42 34.93 -25.65
CA MET A 497 -22.41 33.92 -25.32
C MET A 497 -21.81 33.30 -26.60
N MET A 498 -22.65 32.90 -27.54
CA MET A 498 -22.18 32.33 -28.84
C MET A 498 -21.34 33.27 -29.68
N ALA A 499 -21.82 34.52 -29.81
CA ALA A 499 -21.08 35.60 -30.50
C ALA A 499 -19.70 35.86 -29.87
N ASN A 500 -19.63 35.71 -28.55
CA ASN A 500 -18.39 35.91 -27.81
C ASN A 500 -17.53 34.64 -27.72
N ALA A 501 -17.91 33.55 -28.38
CA ALA A 501 -17.29 32.23 -28.14
C ALA A 501 -15.81 32.16 -28.47
N ALA A 502 -15.41 32.79 -29.58
CA ALA A 502 -14.00 32.82 -29.98
C ALA A 502 -13.13 33.54 -28.94
N GLN A 503 -13.71 34.50 -28.23
CA GLN A 503 -12.98 35.25 -27.19
C GLN A 503 -12.86 34.40 -25.91
N LYS A 504 -13.97 33.78 -25.50
CA LYS A 504 -14.01 32.99 -24.29
C LYS A 504 -13.26 31.68 -24.43
N PHE A 505 -13.41 31.02 -25.59
CA PHE A 505 -12.77 29.74 -25.87
C PHE A 505 -11.97 29.80 -27.18
N PRO A 506 -10.77 30.44 -27.15
CA PRO A 506 -9.98 30.55 -28.40
C PRO A 506 -9.44 29.22 -28.96
N PHE A 507 -9.20 28.23 -28.10
CA PHE A 507 -8.76 26.90 -28.55
C PHE A 507 -9.98 26.03 -28.81
N ASN A 508 -10.07 25.47 -30.02
CA ASN A 508 -11.17 24.56 -30.41
C ASN A 508 -12.49 25.21 -30.13
N THR A 509 -12.67 26.40 -30.69
CA THR A 509 -13.85 27.21 -30.36
C THR A 509 -15.14 26.44 -30.71
N PRO A 510 -16.12 26.42 -29.79
CA PRO A 510 -17.39 25.75 -30.13
C PRO A 510 -18.17 26.50 -31.20
N LYS A 511 -18.86 25.74 -32.04
CA LYS A 511 -19.63 26.27 -33.20
C LYS A 511 -21.13 26.23 -33.00
N THR A 512 -21.60 25.47 -32.01
CA THR A 512 -23.03 25.39 -31.67
C THR A 512 -23.18 25.62 -30.21
N LYS A 513 -24.42 25.88 -29.82
CA LYS A 513 -24.78 26.06 -28.44
C LYS A 513 -24.58 24.73 -27.69
N GLU A 514 -24.88 23.62 -28.36
CA GLU A 514 -24.58 22.29 -27.78
C GLU A 514 -23.08 22.18 -27.45
N GLY A 515 -22.25 22.43 -28.46
CA GLY A 515 -20.80 22.49 -28.28
C GLY A 515 -20.34 23.42 -27.17
N TYR A 516 -20.91 24.62 -27.15
CA TYR A 516 -20.57 25.62 -26.12
C TYR A 516 -20.89 25.10 -24.73
N TYR A 517 -22.09 24.54 -24.55
CA TYR A 517 -22.53 24.03 -23.25
C TYR A 517 -21.58 22.91 -22.74
N TYR A 518 -21.25 21.94 -23.60
CA TYR A 518 -20.34 20.85 -23.17
C TYR A 518 -19.00 21.42 -22.76
N ARG A 519 -18.50 22.37 -23.55
CA ARG A 519 -17.25 23.06 -23.25
C ARG A 519 -17.23 23.79 -21.91
N GLN A 520 -18.34 24.46 -21.56
CA GLN A 520 -18.45 25.10 -20.24
C GLN A 520 -18.37 24.08 -19.11
N VAL A 521 -19.08 22.96 -19.27
CA VAL A 521 -19.09 21.94 -18.23
C VAL A 521 -17.66 21.42 -18.08
N PHE A 522 -17.06 21.08 -19.22
CA PHE A 522 -15.66 20.65 -19.25
C PHE A 522 -14.72 21.63 -18.55
N GLU A 523 -14.81 22.91 -18.93
CA GLU A 523 -13.93 23.96 -18.36
C GLU A 523 -14.15 24.20 -16.87
N ARG A 524 -15.36 23.95 -16.39
CA ARG A 524 -15.60 24.05 -14.95
C ARG A 524 -14.84 22.94 -14.20
N HIS A 525 -14.76 21.73 -14.75
CA HIS A 525 -14.02 20.64 -14.12
C HIS A 525 -12.52 20.71 -14.37
N TYR A 526 -12.17 21.12 -15.59
CA TYR A 526 -10.82 21.04 -16.10
C TYR A 526 -10.45 22.37 -16.77
N PRO A 527 -10.44 23.46 -15.97
CA PRO A 527 -10.21 24.77 -16.62
C PRO A 527 -8.82 24.81 -17.27
N GLY A 528 -8.77 25.27 -18.51
CA GLY A 528 -7.53 25.40 -19.24
C GLY A 528 -6.95 24.12 -19.85
N ARG A 529 -7.71 23.02 -19.79
CA ARG A 529 -7.27 21.69 -20.26
C ARG A 529 -7.82 21.29 -21.62
N ALA A 530 -8.34 22.25 -22.39
CA ALA A 530 -9.00 21.89 -23.66
C ALA A 530 -8.09 21.18 -24.67
N ASP A 531 -6.78 21.36 -24.60
CA ASP A 531 -5.90 20.65 -25.55
C ASP A 531 -5.70 19.13 -25.29
N TRP A 532 -6.41 18.53 -24.31
CA TRP A 532 -6.56 17.04 -24.29
C TRP A 532 -7.25 16.53 -25.56
N LEU A 533 -8.09 17.37 -26.16
CA LEU A 533 -8.69 17.09 -27.46
C LEU A 533 -8.03 17.98 -28.51
N SER A 534 -7.33 17.37 -29.46
CA SER A 534 -6.68 18.12 -30.54
C SER A 534 -7.68 18.77 -31.53
N HIS A 535 -8.77 18.06 -31.85
CA HIS A 535 -9.70 18.45 -32.93
C HIS A 535 -10.81 19.36 -32.45
N CYS B 2 10.01 -0.01 13.09
CA CYS B 2 8.84 -0.12 12.20
C CYS B 2 7.63 0.41 12.92
N GLY B 3 6.68 0.92 12.13
CA GLY B 3 5.48 1.55 12.65
C GLY B 3 4.26 0.86 12.04
N ILE B 4 3.40 0.28 12.89
CA ILE B 4 2.18 -0.39 12.43
C ILE B 4 0.95 0.48 12.73
N TRP B 5 -0.05 0.38 11.87
CA TRP B 5 -1.31 1.13 11.98
C TRP B 5 -2.37 0.29 11.30
N ALA B 6 -3.54 0.16 11.91
CA ALA B 6 -4.60 -0.58 11.27
C ALA B 6 -5.95 -0.16 11.81
N LEU B 7 -6.92 -0.13 10.90
CA LEU B 7 -8.32 0.17 11.21
C LEU B 7 -9.20 -0.97 10.77
N PHE B 8 -10.21 -1.27 11.58
CA PHE B 8 -11.25 -2.22 11.23
C PHE B 8 -12.60 -1.55 11.46
N GLY B 9 -13.46 -1.63 10.46
CA GLY B 9 -14.81 -1.04 10.57
C GLY B 9 -14.83 0.46 10.57
N SER B 10 -13.95 1.05 9.77
CA SER B 10 -13.88 2.50 9.63
C SER B 10 -15.04 3.02 8.79
N ASP B 11 -15.30 4.32 8.92
CA ASP B 11 -16.20 5.05 8.02
C ASP B 11 -15.57 5.31 6.66
N ASP B 12 -14.33 5.84 6.64
CA ASP B 12 -13.65 6.18 5.37
C ASP B 12 -12.14 5.90 5.42
N CYS B 13 -11.80 4.61 5.52
CA CYS B 13 -10.39 4.13 5.61
C CYS B 13 -9.80 4.00 4.20
N LEU B 14 -9.55 5.16 3.61
CA LEU B 14 -8.93 5.33 2.31
C LEU B 14 -8.45 6.76 2.26
N SER B 15 -9.39 7.69 2.08
CA SER B 15 -9.07 9.06 1.71
C SER B 15 -8.32 9.82 2.80
N VAL B 16 -9.04 10.26 3.82
CA VAL B 16 -8.49 11.18 4.84
C VAL B 16 -7.72 10.44 5.94
N GLN B 17 -8.13 9.21 6.22
CA GLN B 17 -7.60 8.44 7.35
C GLN B 17 -6.16 7.98 7.12
N CYS B 18 -5.73 7.92 5.87
CA CYS B 18 -4.33 7.59 5.54
C CYS B 18 -3.31 8.67 5.96
N LEU B 19 -3.77 9.89 6.27
CA LEU B 19 -2.92 10.92 6.88
C LEU B 19 -2.59 10.59 8.34
N SER B 20 -3.53 9.93 9.02
CA SER B 20 -3.28 9.40 10.36
C SER B 20 -2.17 8.33 10.37
N ALA B 21 -2.15 7.50 9.31
CA ALA B 21 -1.12 6.48 9.15
C ALA B 21 0.30 7.05 8.98
N MET B 22 0.43 8.29 8.47
CA MET B 22 1.75 8.93 8.33
C MET B 22 2.36 9.46 9.62
N LYS B 23 1.56 9.55 10.68
CA LYS B 23 2.02 10.11 11.97
C LYS B 23 3.14 9.30 12.64
N ILE B 24 3.26 8.03 12.32
CA ILE B 24 4.34 7.19 12.90
C ILE B 24 5.46 6.91 11.91
N ALA B 25 5.58 7.71 10.84
CA ALA B 25 6.58 7.42 9.81
C ALA B 25 8.00 7.30 10.32
N HIS B 26 8.34 8.11 11.33
CA HIS B 26 9.70 8.11 11.90
C HIS B 26 10.22 6.71 12.31
N ARG B 27 9.31 5.84 12.76
CA ARG B 27 9.72 4.47 13.19
C ARG B 27 10.30 3.63 12.05
N GLY B 28 9.83 3.86 10.82
CA GLY B 28 10.19 3.07 9.66
C GLY B 28 10.48 3.89 8.41
N PRO B 29 11.70 4.42 8.31
CA PRO B 29 11.98 5.35 7.22
C PRO B 29 12.22 4.74 5.83
N ASP B 30 12.45 3.43 5.74
CA ASP B 30 12.93 2.81 4.48
C ASP B 30 11.85 2.65 3.39
N ALA B 31 10.60 2.41 3.80
CA ALA B 31 9.49 2.29 2.88
C ALA B 31 8.15 2.41 3.61
N PHE B 32 7.09 2.74 2.87
CA PHE B 32 5.73 2.76 3.40
C PHE B 32 4.75 2.00 2.45
N ARG B 33 3.83 1.21 3.01
CA ARG B 33 2.73 0.61 2.25
C ARG B 33 1.40 0.78 3.02
N PHE B 34 0.35 1.10 2.30
CA PHE B 34 -0.98 1.27 2.85
C PHE B 34 -1.89 0.45 1.96
N GLU B 35 -2.78 -0.36 2.55
CA GLU B 35 -3.74 -1.14 1.75
C GLU B 35 -5.00 -1.53 2.53
N ASN B 36 -6.09 -1.72 1.80
CA ASN B 36 -7.32 -2.20 2.43
C ASN B 36 -7.53 -3.66 2.05
N VAL B 37 -8.62 -4.23 2.53
CA VAL B 37 -8.80 -5.65 2.52
C VAL B 37 -9.93 -6.05 1.56
N ASN B 38 -9.62 -6.93 0.62
CA ASN B 38 -10.67 -7.50 -0.27
C ASN B 38 -11.81 -8.07 0.57
N GLY B 39 -13.04 -7.66 0.24
CA GLY B 39 -14.23 -8.10 0.95
C GLY B 39 -14.57 -7.24 2.15
N TYR B 40 -13.66 -6.38 2.58
CA TYR B 40 -13.74 -5.67 3.86
C TYR B 40 -13.00 -4.36 3.65
N THR B 41 -13.50 -3.59 2.70
CA THR B 41 -12.76 -2.39 2.22
C THR B 41 -12.70 -1.24 3.20
N ASN B 42 -13.45 -1.34 4.29
CA ASN B 42 -13.37 -0.41 5.40
C ASN B 42 -12.34 -0.83 6.48
N CYS B 43 -11.55 -1.88 6.21
CA CYS B 43 -10.47 -2.35 7.07
C CYS B 43 -9.16 -2.11 6.31
N CYS B 44 -8.14 -1.57 6.96
CA CYS B 44 -6.86 -1.27 6.29
C CYS B 44 -5.66 -1.31 7.20
N PHE B 45 -4.50 -1.41 6.55
CA PHE B 45 -3.22 -1.41 7.21
C PHE B 45 -2.35 -0.30 6.65
N GLY B 46 -1.54 0.29 7.52
CA GLY B 46 -0.45 1.18 7.10
C GLY B 46 0.81 0.71 7.80
N PHE B 47 1.91 0.66 7.08
CA PHE B 47 3.15 0.08 7.61
C PHE B 47 4.34 0.88 7.14
N HIS B 48 5.15 1.34 8.10
CA HIS B 48 6.37 2.06 7.82
C HIS B 48 7.48 1.14 8.22
N ARG B 49 8.33 0.84 7.26
CA ARG B 49 9.32 -0.20 7.45
C ARG B 49 10.70 0.31 7.75
N LEU B 50 11.32 -0.23 8.82
CA LEU B 50 12.78 -0.18 8.97
C LEU B 50 13.23 -1.60 8.61
N ALA B 51 13.95 -1.72 7.50
CA ALA B 51 14.27 -3.06 6.96
C ALA B 51 15.49 -3.66 7.69
N VAL B 52 15.23 -4.54 8.65
CA VAL B 52 16.27 -5.08 9.51
C VAL B 52 16.70 -6.48 9.07
N VAL B 53 15.73 -7.32 8.71
CA VAL B 53 15.95 -8.65 8.18
C VAL B 53 15.20 -8.63 6.85
N ASP B 54 15.82 -9.19 5.80
CA ASP B 54 15.18 -9.39 4.50
C ASP B 54 14.78 -8.07 3.80
N PRO B 55 15.78 -7.29 3.38
CA PRO B 55 15.46 -6.04 2.68
C PRO B 55 14.58 -6.25 1.43
N LEU B 56 14.83 -7.29 0.64
CA LEU B 56 14.15 -7.44 -0.65
C LEU B 56 12.70 -7.96 -0.61
N PHE B 57 12.41 -8.89 0.30
CA PHE B 57 11.12 -9.57 0.29
C PHE B 57 10.29 -9.39 1.56
N GLY B 58 10.75 -8.55 2.49
CA GLY B 58 10.14 -8.47 3.83
C GLY B 58 9.09 -7.39 4.03
N MET B 59 8.64 -6.74 2.96
CA MET B 59 7.66 -5.66 3.14
C MET B 59 6.30 -6.17 3.66
N GLN B 60 5.62 -5.34 4.45
CA GLN B 60 4.35 -5.72 5.08
C GLN B 60 3.21 -4.83 4.54
N PRO B 61 1.94 -5.22 4.69
CA PRO B 61 1.48 -6.48 5.33
C PRO B 61 2.03 -7.73 4.70
N ILE B 62 2.44 -8.68 5.54
CA ILE B 62 2.97 -9.96 5.09
C ILE B 62 1.79 -10.80 4.66
N ARG B 63 1.85 -11.22 3.40
CA ARG B 63 0.77 -12.03 2.79
C ARG B 63 1.50 -13.00 1.92
N VAL B 64 1.32 -14.29 2.16
CA VAL B 64 2.03 -15.32 1.38
C VAL B 64 1.04 -16.29 0.69
N LYS B 65 1.53 -16.88 -0.39
CA LYS B 65 0.72 -17.73 -1.29
C LYS B 65 0.06 -18.90 -0.54
N LYS B 66 0.83 -19.51 0.36
CA LYS B 66 0.36 -20.65 1.16
C LYS B 66 -0.90 -20.33 1.98
N TYR B 67 -1.03 -19.08 2.42
CA TYR B 67 -2.11 -18.68 3.33
C TYR B 67 -2.78 -17.47 2.76
N PRO B 68 -3.64 -17.68 1.76
CA PRO B 68 -4.21 -16.51 1.10
C PRO B 68 -5.11 -15.63 1.92
N TYR B 69 -5.63 -16.13 3.04
CA TYR B 69 -6.57 -15.35 3.86
C TYR B 69 -5.97 -14.70 5.14
N LEU B 70 -4.64 -14.77 5.28
CA LEU B 70 -3.91 -14.17 6.39
C LEU B 70 -3.18 -12.89 5.97
N TRP B 71 -3.37 -11.85 6.78
CA TRP B 71 -2.66 -10.56 6.67
C TRP B 71 -2.00 -10.26 8.04
N LEU B 72 -0.68 -10.14 8.05
CA LEU B 72 0.09 -9.84 9.27
C LEU B 72 0.85 -8.53 9.14
N CYS B 73 0.69 -7.68 10.13
CA CYS B 73 1.51 -6.50 10.31
CA CYS B 73 1.54 -6.49 10.33
C CYS B 73 2.11 -6.57 11.71
N TYR B 74 3.43 -6.46 11.81
CA TYR B 74 4.11 -6.48 13.12
C TYR B 74 5.37 -5.63 13.14
N ASN B 75 5.73 -5.19 14.34
CA ASN B 75 6.97 -4.47 14.62
C ASN B 75 7.62 -5.37 15.64
N GLY B 76 8.70 -6.02 15.23
CA GLY B 76 9.36 -6.94 16.13
C GLY B 76 10.46 -7.75 15.49
N GLU B 77 10.96 -8.68 16.29
CA GLU B 77 12.00 -9.58 15.88
C GLU B 77 11.74 -10.93 16.55
N ILE B 78 11.56 -11.99 15.76
CA ILE B 78 11.27 -13.32 16.29
C ILE B 78 12.61 -14.08 16.21
N TYR B 79 13.40 -14.05 17.29
CA TYR B 79 14.82 -14.49 17.26
C TYR B 79 14.99 -16.00 17.03
N ASN B 80 13.98 -16.77 17.38
CA ASN B 80 14.03 -18.22 17.19
C ASN B 80 13.26 -18.64 15.94
N HIS B 81 12.98 -17.73 15.01
CA HIS B 81 12.15 -18.13 13.84
C HIS B 81 12.76 -19.30 13.05
N LYS B 82 14.08 -19.24 12.86
CA LYS B 82 14.83 -20.17 12.00
C LYS B 82 14.80 -21.59 12.54
N LYS B 83 15.11 -21.75 13.82
CA LYS B 83 15.05 -23.08 14.44
C LYS B 83 13.62 -23.67 14.44
N MET B 84 12.59 -22.80 14.53
CA MET B 84 11.21 -23.24 14.41
C MET B 84 10.85 -23.62 12.97
N GLN B 85 11.31 -22.81 12.01
CA GLN B 85 11.20 -23.12 10.57
C GLN B 85 11.82 -24.50 10.24
N GLN B 86 13.07 -24.73 10.64
CA GLN B 86 13.73 -26.02 10.40
C GLN B 86 13.05 -27.18 11.12
N HIS B 87 12.71 -27.00 12.40
CA HIS B 87 12.04 -28.07 13.14
C HIS B 87 10.74 -28.50 12.49
N PHE B 88 9.87 -27.54 12.19
CA PHE B 88 8.55 -27.84 11.61
C PHE B 88 8.52 -28.01 10.09
N GLU B 89 9.67 -27.87 9.43
CA GLU B 89 9.83 -28.00 7.98
C GLU B 89 8.89 -27.09 7.16
N PHE B 90 8.69 -25.87 7.66
CA PHE B 90 7.90 -24.85 6.97
C PHE B 90 8.66 -24.31 5.75
N GLU B 91 7.97 -24.06 4.64
CA GLU B 91 8.61 -23.44 3.48
C GLU B 91 8.23 -21.97 3.46
N TYR B 92 9.21 -21.09 3.62
CA TYR B 92 8.96 -19.65 3.61
C TYR B 92 8.87 -19.15 2.17
N GLN B 93 8.06 -18.13 1.96
CA GLN B 93 8.08 -17.36 0.72
C GLN B 93 9.08 -16.20 0.78
N THR B 94 9.15 -15.56 1.94
CA THR B 94 10.02 -14.40 2.19
C THR B 94 11.28 -14.92 2.90
N LYS B 95 12.14 -14.01 3.32
CA LYS B 95 13.24 -14.35 4.22
C LYS B 95 13.10 -13.65 5.57
N VAL B 96 11.89 -13.20 5.90
CA VAL B 96 11.69 -12.38 7.08
C VAL B 96 11.25 -13.24 8.27
N ASP B 97 11.83 -12.93 9.44
CA ASP B 97 11.58 -13.67 10.68
C ASP B 97 10.11 -13.75 11.02
N GLY B 98 9.36 -12.66 10.79
CA GLY B 98 7.94 -12.64 11.12
C GLY B 98 7.04 -13.61 10.36
N GLU B 99 7.53 -14.17 9.26
CA GLU B 99 6.71 -15.09 8.47
C GLU B 99 6.39 -16.33 9.29
N ILE B 100 7.20 -16.62 10.30
CA ILE B 100 6.94 -17.78 11.15
C ILE B 100 5.58 -17.74 11.85
N ILE B 101 5.11 -16.53 12.19
CA ILE B 101 3.82 -16.37 12.85
C ILE B 101 2.67 -16.91 11.98
N LEU B 102 2.76 -16.71 10.67
CA LEU B 102 1.74 -17.25 9.75
C LEU B 102 1.72 -18.78 9.77
N HIS B 103 2.90 -19.38 9.64
CA HIS B 103 2.97 -20.83 9.56
C HIS B 103 2.51 -21.47 10.89
N LEU B 104 2.94 -20.91 12.02
CA LEU B 104 2.52 -21.39 13.35
C LEU B 104 1.03 -21.18 13.61
N TYR B 105 0.47 -20.07 13.13
CA TYR B 105 -0.94 -19.81 13.32
C TYR B 105 -1.81 -20.78 12.51
N ASP B 106 -1.38 -21.06 11.27
CA ASP B 106 -2.17 -21.94 10.41
C ASP B 106 -2.19 -23.34 11.04
N LYS B 107 -1.00 -23.79 11.47
CA LYS B 107 -0.84 -25.07 12.17
C LYS B 107 -1.67 -25.17 13.45
N GLY B 108 -1.51 -24.21 14.36
CA GLY B 108 -1.96 -24.39 15.76
C GLY B 108 -2.88 -23.37 16.41
N GLY B 109 -3.19 -22.28 15.72
CA GLY B 109 -3.97 -21.21 16.31
C GLY B 109 -3.13 -20.24 17.15
N ILE B 110 -3.83 -19.24 17.70
CA ILE B 110 -3.17 -18.04 18.21
C ILE B 110 -2.41 -18.29 19.51
N GLU B 111 -3.01 -19.02 20.45
CA GLU B 111 -2.37 -19.23 21.75
C GLU B 111 -1.07 -20.02 21.59
N GLN B 112 -1.10 -21.10 20.81
CA GLN B 112 0.13 -21.86 20.52
C GLN B 112 1.16 -21.20 19.60
N THR B 113 0.80 -20.07 18.99
CA THR B 113 1.75 -19.29 18.20
C THR B 113 2.44 -18.30 19.12
N ILE B 114 1.64 -17.47 19.78
CA ILE B 114 2.19 -16.35 20.53
C ILE B 114 3.09 -16.83 21.68
N CYS B 115 2.73 -17.91 22.35
CA CYS B 115 3.56 -18.46 23.43
C CYS B 115 4.90 -19.03 22.96
N MET B 116 5.03 -19.33 21.66
CA MET B 116 6.29 -19.88 21.10
C MET B 116 7.30 -18.85 20.63
N LEU B 117 6.91 -17.57 20.59
CA LEU B 117 7.77 -16.55 20.02
C LEU B 117 8.86 -16.07 21.02
N ASP B 118 10.12 -16.38 20.71
CA ASP B 118 11.26 -15.91 21.49
C ASP B 118 11.73 -14.57 20.89
N GLY B 119 11.11 -13.50 21.37
CA GLY B 119 11.51 -12.19 20.91
C GLY B 119 10.56 -11.15 21.36
N VAL B 120 10.58 -10.02 20.62
CA VAL B 120 9.84 -8.85 20.99
C VAL B 120 8.94 -8.51 19.79
N PHE B 121 7.74 -8.01 20.05
CA PHE B 121 6.75 -7.84 18.99
C PHE B 121 5.50 -7.12 19.45
N ALA B 122 4.89 -6.41 18.50
CA ALA B 122 3.53 -5.91 18.59
C ALA B 122 2.94 -6.26 17.24
N PHE B 123 1.79 -6.93 17.21
CA PHE B 123 1.24 -7.39 15.94
C PHE B 123 -0.28 -7.27 15.85
N VAL B 124 -0.72 -7.16 14.61
CA VAL B 124 -2.14 -7.33 14.21
C VAL B 124 -2.16 -8.45 13.14
N LEU B 125 -2.97 -9.48 13.36
CA LEU B 125 -3.14 -10.58 12.43
C LEU B 125 -4.62 -10.66 12.07
N LEU B 126 -4.93 -10.61 10.77
CA LEU B 126 -6.29 -10.77 10.23
C LEU B 126 -6.40 -12.12 9.55
N ASP B 127 -7.53 -12.79 9.74
CA ASP B 127 -7.82 -14.10 9.13
C ASP B 127 -9.22 -13.95 8.56
N THR B 128 -9.33 -13.79 7.24
CA THR B 128 -10.64 -13.60 6.61
C THR B 128 -11.39 -14.93 6.41
N ALA B 129 -10.70 -16.07 6.51
CA ALA B 129 -11.37 -17.39 6.44
C ALA B 129 -12.16 -17.67 7.72
N ASN B 130 -11.48 -17.53 8.86
CA ASN B 130 -12.12 -17.77 10.18
C ASN B 130 -12.76 -16.55 10.80
N LYS B 131 -12.67 -15.38 10.15
CA LYS B 131 -13.34 -14.14 10.61
C LYS B 131 -12.80 -13.64 11.96
N LYS B 132 -11.48 -13.54 12.04
CA LYS B 132 -10.81 -13.19 13.29
C LYS B 132 -9.76 -12.10 13.09
N VAL B 133 -9.67 -11.17 14.04
CA VAL B 133 -8.54 -10.24 14.18
C VAL B 133 -7.87 -10.58 15.51
N PHE B 134 -6.54 -10.65 15.49
CA PHE B 134 -5.73 -10.94 16.68
C PHE B 134 -4.76 -9.79 16.94
N LEU B 135 -4.68 -9.34 18.20
CA LEU B 135 -3.68 -8.36 18.62
C LEU B 135 -2.76 -9.02 19.61
N GLY B 136 -1.48 -8.70 19.54
CA GLY B 136 -0.52 -9.31 20.46
C GLY B 136 0.67 -8.45 20.81
N ARG B 137 1.20 -8.65 22.02
CA ARG B 137 2.34 -7.87 22.50
C ARG B 137 3.23 -8.73 23.37
N ASP B 138 4.53 -8.54 23.21
CA ASP B 138 5.52 -9.33 23.93
C ASP B 138 5.47 -9.12 25.45
N THR B 139 6.03 -10.11 26.14
CA THR B 139 5.95 -10.27 27.61
C THR B 139 6.22 -8.96 28.37
N TYR B 140 7.36 -8.33 28.13
CA TYR B 140 7.69 -7.07 28.85
C TYR B 140 7.23 -5.78 28.16
N GLY B 141 6.56 -5.89 27.01
CA GLY B 141 6.04 -4.73 26.31
C GLY B 141 7.11 -3.93 25.60
N VAL B 142 8.16 -4.62 25.14
CA VAL B 142 9.30 -3.94 24.54
C VAL B 142 8.85 -3.17 23.31
N ARG B 143 8.14 -3.86 22.41
CA ARG B 143 7.56 -3.19 21.26
C ARG B 143 6.17 -2.66 21.63
N PRO B 144 5.84 -1.44 21.19
CA PRO B 144 4.60 -0.81 21.68
C PRO B 144 3.35 -1.08 20.83
N LEU B 145 2.19 -0.93 21.47
CA LEU B 145 0.89 -1.03 20.81
C LEU B 145 -0.13 -0.29 21.66
N PHE B 146 -0.98 0.45 20.97
CA PHE B 146 -2.09 1.18 21.54
C PHE B 146 -3.31 0.82 20.72
N LYS B 147 -4.48 0.93 21.34
CA LYS B 147 -5.73 0.62 20.67
C LYS B 147 -6.83 1.56 21.11
N ALA B 148 -7.82 1.67 20.22
CA ALA B 148 -9.04 2.40 20.50
C ALA B 148 -10.17 1.61 19.87
N MET B 149 -11.28 1.53 20.59
CA MET B 149 -12.46 0.79 20.15
C MET B 149 -13.73 1.52 20.55
N THR B 150 -14.73 1.50 19.65
CA THR B 150 -16.03 2.12 19.89
C THR B 150 -17.06 1.00 20.14
N GLU B 151 -18.24 1.38 20.64
CA GLU B 151 -19.33 0.41 20.90
C GLU B 151 -19.88 -0.22 19.61
N ASP B 152 -19.91 0.57 18.52
CA ASP B 152 -20.30 0.06 17.18
C ASP B 152 -19.32 -0.95 16.54
N GLY B 153 -18.10 -1.07 17.08
CA GLY B 153 -17.12 -2.06 16.65
C GLY B 153 -16.06 -1.53 15.69
N PHE B 154 -15.83 -0.22 15.68
CA PHE B 154 -14.67 0.37 15.03
C PHE B 154 -13.46 0.10 15.91
N LEU B 155 -12.40 -0.49 15.34
CA LEU B 155 -11.14 -0.78 16.07
C LEU B 155 -9.99 -0.05 15.35
N ALA B 156 -9.13 0.64 16.11
CA ALA B 156 -7.96 1.28 15.55
C ALA B 156 -6.74 0.95 16.40
N VAL B 157 -5.66 0.45 15.78
CA VAL B 157 -4.42 0.16 16.53
C VAL B 157 -3.22 0.83 15.92
N CYS B 158 -2.25 1.19 16.76
CA CYS B 158 -1.03 1.82 16.28
C CYS B 158 0.11 1.59 17.24
N SER B 159 1.33 1.58 16.68
CA SER B 159 2.55 1.48 17.49
C SER B 159 2.62 2.54 18.58
N GLU B 160 2.22 3.75 18.22
CA GLU B 160 2.29 4.91 19.13
C GLU B 160 0.91 5.58 19.18
N ALA B 161 0.56 6.16 20.32
CA ALA B 161 -0.73 6.80 20.51
C ALA B 161 -0.97 7.99 19.56
N LYS B 162 0.09 8.68 19.17
CA LYS B 162 -0.01 9.82 18.24
C LYS B 162 -0.62 9.46 16.88
N GLY B 163 -0.54 8.19 16.51
CA GLY B 163 -1.19 7.70 15.30
C GLY B 163 -2.68 7.39 15.43
N LEU B 164 -3.27 7.59 16.61
CA LEU B 164 -4.70 7.34 16.81
C LEU B 164 -5.53 8.56 17.21
N VAL B 165 -4.91 9.52 17.88
CA VAL B 165 -5.63 10.65 18.45
C VAL B 165 -6.22 11.66 17.46
N THR B 166 -5.75 11.65 16.20
CA THR B 166 -6.33 12.49 15.14
C THR B 166 -7.39 11.78 14.29
N LEU B 167 -7.67 10.51 14.57
CA LEU B 167 -8.76 9.80 13.89
C LEU B 167 -10.12 10.42 14.20
N LYS B 168 -10.99 10.47 13.20
CA LYS B 168 -12.36 10.95 13.37
C LYS B 168 -13.28 9.80 12.98
N HIS B 169 -14.02 9.28 13.95
CA HIS B 169 -15.07 8.29 13.70
C HIS B 169 -16.37 9.04 13.93
N SER B 170 -17.04 9.40 12.83
CA SER B 170 -18.18 10.33 12.90
C SER B 170 -19.28 9.89 13.87
N ALA B 171 -19.40 8.57 14.08
CA ALA B 171 -20.33 8.00 15.04
C ALA B 171 -20.05 8.29 16.54
N THR B 172 -18.91 8.92 16.87
CA THR B 172 -18.56 9.15 18.28
C THR B 172 -17.66 10.39 18.48
N PRO B 173 -17.94 11.23 19.50
CA PRO B 173 -17.26 12.53 19.64
C PRO B 173 -15.89 12.53 20.36
N PHE B 174 -15.55 11.43 21.05
CA PHE B 174 -14.24 11.27 21.68
C PHE B 174 -13.84 9.81 21.58
N LEU B 175 -12.68 9.54 20.98
CA LEU B 175 -12.15 8.18 20.81
C LEU B 175 -11.18 7.86 21.96
N LYS B 176 -11.49 6.85 22.77
CA LYS B 176 -10.64 6.48 23.91
C LYS B 176 -9.44 5.63 23.46
N VAL B 177 -8.23 6.12 23.71
CA VAL B 177 -6.99 5.44 23.33
C VAL B 177 -6.27 4.93 24.58
N GLU B 178 -5.85 3.66 24.55
CA GLU B 178 -5.15 3.05 25.68
C GLU B 178 -3.99 2.15 25.23
N PRO B 179 -2.97 2.00 26.07
CA PRO B 179 -1.97 0.98 25.78
C PRO B 179 -2.57 -0.39 25.77
N PHE B 180 -2.13 -1.23 24.83
CA PHE B 180 -2.46 -2.65 24.84
C PHE B 180 -1.48 -3.31 25.78
N LEU B 181 -1.97 -4.12 26.70
CA LEU B 181 -1.15 -4.59 27.80
C LEU B 181 -0.10 -5.60 27.32
N PRO B 182 1.14 -5.47 27.81
CA PRO B 182 2.18 -6.46 27.57
C PRO B 182 1.77 -7.86 27.98
N GLY B 183 2.33 -8.85 27.30
CA GLY B 183 2.08 -10.24 27.61
C GLY B 183 0.62 -10.65 27.49
N HIS B 184 -0.11 -10.00 26.58
CA HIS B 184 -1.50 -10.34 26.31
C HIS B 184 -1.67 -10.60 24.80
N TYR B 185 -2.68 -11.39 24.46
CA TYR B 185 -3.27 -11.34 23.13
C TYR B 185 -4.75 -11.04 23.25
N GLU B 186 -5.34 -10.51 22.18
CA GLU B 186 -6.80 -10.28 22.09
C GLU B 186 -7.36 -10.99 20.86
N VAL B 187 -8.53 -11.62 21.01
CA VAL B 187 -9.25 -12.25 19.92
C VAL B 187 -10.48 -11.42 19.68
N LEU B 188 -10.72 -11.06 18.42
CA LEU B 188 -11.90 -10.29 18.04
C LEU B 188 -12.55 -10.95 16.82
N ASP B 189 -13.89 -10.86 16.75
CA ASP B 189 -14.66 -11.44 15.64
C ASP B 189 -14.79 -10.41 14.55
N LEU B 190 -14.56 -10.82 13.31
CA LEU B 190 -14.78 -9.95 12.14
C LEU B 190 -16.24 -10.10 11.70
N LYS B 191 -17.02 -9.02 11.81
CA LYS B 191 -18.42 -9.03 11.34
C LYS B 191 -18.52 -8.95 9.82
N PRO B 192 -19.70 -9.31 9.27
CA PRO B 192 -19.91 -9.18 7.83
C PRO B 192 -19.63 -7.79 7.24
N ASN B 193 -19.93 -6.73 7.99
CA ASN B 193 -19.75 -5.36 7.51
C ASN B 193 -18.37 -4.75 7.84
N GLY B 194 -17.43 -5.56 8.34
CA GLY B 194 -16.09 -5.08 8.67
C GLY B 194 -15.88 -4.48 10.06
N LYS B 195 -16.95 -4.37 10.85
CA LYS B 195 -16.84 -4.03 12.27
C LYS B 195 -16.25 -5.24 12.97
N VAL B 196 -15.82 -5.04 14.22
CA VAL B 196 -15.28 -6.13 15.04
C VAL B 196 -15.87 -6.16 16.47
N ALA B 197 -15.82 -7.34 17.09
CA ALA B 197 -16.29 -7.48 18.46
C ALA B 197 -15.29 -8.31 19.23
N SER B 198 -14.83 -7.79 20.37
CA SER B 198 -13.89 -8.52 21.21
C SER B 198 -14.51 -9.77 21.80
N VAL B 199 -13.83 -10.91 21.63
CA VAL B 199 -14.23 -12.16 22.24
C VAL B 199 -13.56 -12.21 23.61
N GLU B 200 -12.23 -12.12 23.62
CA GLU B 200 -11.48 -12.22 24.87
C GLU B 200 -10.14 -11.49 24.84
N MET B 201 -9.69 -11.10 26.03
CA MET B 201 -8.37 -10.52 26.29
C MET B 201 -7.67 -11.52 27.21
N VAL B 202 -6.57 -12.08 26.76
CA VAL B 202 -5.98 -13.23 27.43
C VAL B 202 -4.52 -12.92 27.79
N LYS B 203 -4.18 -13.00 29.08
CA LYS B 203 -2.79 -13.03 29.50
C LYS B 203 -2.24 -14.36 29.03
N TYR B 204 -1.06 -14.36 28.42
CA TYR B 204 -0.40 -15.60 28.01
C TYR B 204 0.95 -15.73 28.71
N HIS B 205 1.48 -16.93 28.68
CA HIS B 205 2.78 -17.25 29.22
C HIS B 205 3.52 -18.08 28.16
N HIS B 206 4.83 -18.20 28.33
CA HIS B 206 5.69 -18.89 27.36
C HIS B 206 5.46 -20.40 27.35
N CYS B 207 5.78 -21.02 26.21
CA CYS B 207 5.68 -22.47 26.01
C CYS B 207 6.94 -22.98 25.30
N ARG B 208 7.03 -24.28 25.07
CA ARG B 208 8.19 -24.89 24.43
C ARG B 208 8.31 -24.51 22.94
N ASP B 209 9.54 -24.35 22.43
CA ASP B 209 9.77 -24.11 20.98
C ASP B 209 10.30 -25.36 20.21
N VAL B 210 11.03 -26.25 20.90
CA VAL B 210 11.49 -27.52 20.30
C VAL B 210 11.44 -28.66 21.32
N PHE B 223 18.12 -24.86 50.29
CA PHE B 223 17.18 -25.25 49.23
C PHE B 223 17.75 -26.37 48.35
N PRO B 224 16.88 -27.19 47.71
CA PRO B 224 17.38 -28.14 46.72
C PRO B 224 18.04 -27.40 45.55
N GLY B 225 19.15 -27.95 45.04
CA GLY B 225 19.81 -27.44 43.84
C GLY B 225 20.36 -26.02 43.97
N PHE B 226 20.53 -25.37 42.82
CA PHE B 226 20.96 -23.97 42.73
C PHE B 226 22.28 -23.69 43.45
N GLU B 227 23.24 -24.59 43.26
CA GLU B 227 24.58 -24.38 43.75
C GLU B 227 25.20 -23.20 42.98
N ILE B 228 25.97 -22.38 43.69
CA ILE B 228 26.40 -21.06 43.17
C ILE B 228 27.18 -21.14 41.85
N GLU B 229 28.03 -22.16 41.70
CA GLU B 229 28.85 -22.28 40.49
C GLU B 229 28.02 -22.70 39.28
N THR B 230 27.00 -23.53 39.50
CA THR B 230 26.12 -23.93 38.42
C THR B 230 25.29 -22.73 37.99
N VAL B 231 24.79 -21.98 38.96
CA VAL B 231 23.97 -20.81 38.67
C VAL B 231 24.77 -19.79 37.82
N LYS B 232 25.99 -19.46 38.26
CA LYS B 232 26.81 -18.45 37.58
C LYS B 232 27.17 -18.86 36.16
N ASN B 233 27.47 -20.14 35.97
CA ASN B 233 27.75 -20.69 34.67
C ASN B 233 26.51 -20.66 33.77
N ASN B 234 25.34 -21.00 34.30
CA ASN B 234 24.08 -20.87 33.55
C ASN B 234 23.75 -19.43 33.19
N LEU B 235 24.02 -18.50 34.09
CA LEU B 235 23.72 -17.07 33.83
C LEU B 235 24.62 -16.54 32.71
N ARG B 236 25.91 -16.85 32.77
CA ARG B 236 26.83 -16.50 31.69
C ARG B 236 26.36 -17.05 30.32
N ILE B 237 26.06 -18.34 30.29
CA ILE B 237 25.60 -19.03 29.05
C ILE B 237 24.31 -18.41 28.52
N LEU B 238 23.33 -18.16 29.40
CA LEU B 238 22.06 -17.57 28.98
C LEU B 238 22.18 -16.12 28.52
N PHE B 239 23.03 -15.33 29.16
CA PHE B 239 23.27 -13.93 28.77
C PHE B 239 24.03 -13.85 27.43
N ASN B 240 24.99 -14.76 27.25
CA ASN B 240 25.72 -14.87 25.97
C ASN B 240 24.78 -15.24 24.83
N ASN B 241 23.88 -16.20 25.07
CA ASN B 241 22.91 -16.61 24.05
C ASN B 241 21.86 -15.55 23.80
N ALA B 242 21.52 -14.75 24.81
CA ALA B 242 20.58 -13.66 24.65
C ALA B 242 21.12 -12.63 23.68
N VAL B 243 22.42 -12.37 23.78
CA VAL B 243 23.09 -11.41 22.92
C VAL B 243 23.30 -12.04 21.53
N LYS B 244 23.74 -13.29 21.51
CA LYS B 244 23.95 -14.05 20.26
C LYS B 244 22.72 -14.11 19.36
N LYS B 245 21.57 -14.48 19.90
CA LYS B 245 20.35 -14.59 19.11
C LYS B 245 19.90 -13.20 18.58
N ARG B 246 20.30 -12.15 19.29
CA ARG B 246 20.02 -10.76 18.89
C ARG B 246 21.02 -10.19 17.91
N LEU B 247 21.88 -11.02 17.35
CA LEU B 247 22.68 -10.62 16.18
C LEU B 247 21.91 -10.81 14.85
N MET B 248 20.69 -11.36 14.89
CA MET B 248 19.82 -11.54 13.71
C MET B 248 19.44 -10.20 13.05
N THR B 249 20.19 -9.87 12.00
CA THR B 249 19.96 -8.67 11.17
C THR B 249 20.91 -8.66 10.00
N ASP B 250 20.48 -8.00 8.92
CA ASP B 250 21.32 -7.67 7.76
C ASP B 250 21.86 -6.25 7.85
N ARG B 251 21.50 -5.51 8.90
CA ARG B 251 21.96 -4.15 9.09
C ARG B 251 23.08 -4.15 10.15
N ARG B 252 23.71 -2.97 10.31
CA ARG B 252 24.80 -2.80 11.27
C ARG B 252 24.30 -2.65 12.71
N ILE B 253 24.90 -3.44 13.60
CA ILE B 253 24.64 -3.40 15.03
C ILE B 253 25.62 -2.46 15.73
N GLY B 254 25.05 -1.53 16.50
CA GLY B 254 25.76 -0.66 17.46
C GLY B 254 25.24 -0.80 18.90
N CYS B 255 25.79 0.01 19.80
CA CYS B 255 25.54 -0.17 21.25
C CYS B 255 25.63 1.10 22.08
N LEU B 256 24.65 1.32 22.95
CA LEU B 256 24.67 2.44 23.88
C LEU B 256 25.59 2.02 25.03
N LEU B 257 26.38 2.96 25.51
CA LEU B 257 27.38 2.68 26.55
C LEU B 257 27.46 3.89 27.45
N SER B 258 26.91 3.74 28.65
CA SER B 258 26.82 4.83 29.62
C SER B 258 27.98 4.83 30.61
N GLY B 259 28.68 3.70 30.73
CA GLY B 259 29.64 3.48 31.81
C GLY B 259 29.11 2.63 32.96
N GLY B 260 27.78 2.56 33.12
CA GLY B 260 27.17 1.74 34.16
C GLY B 260 27.57 0.28 34.01
N LEU B 261 27.35 -0.52 35.05
CA LEU B 261 27.61 -1.97 34.99
C LEU B 261 26.83 -2.67 33.87
N ASP B 262 25.55 -2.30 33.70
CA ASP B 262 24.62 -3.04 32.82
C ASP B 262 25.01 -2.89 31.36
N SER B 263 25.07 -1.64 30.91
CA SER B 263 25.46 -1.34 29.53
C SER B 263 26.87 -1.82 29.22
N SER B 264 27.76 -1.85 30.22
CA SER B 264 29.14 -2.30 29.99
C SER B 264 29.22 -3.79 29.73
N LEU B 265 28.46 -4.55 30.53
CA LEU B 265 28.32 -6.00 30.30
C LEU B 265 27.71 -6.31 28.93
N VAL B 266 26.65 -5.59 28.55
CA VAL B 266 26.03 -5.73 27.21
C VAL B 266 27.07 -5.44 26.11
N ALA B 267 27.74 -4.28 26.20
CA ALA B 267 28.65 -3.86 25.15
C ALA B 267 29.83 -4.83 25.01
N ALA B 268 30.43 -5.22 26.14
CA ALA B 268 31.55 -6.16 26.13
C ALA B 268 31.16 -7.53 25.57
N THR B 269 30.01 -8.04 25.97
CA THR B 269 29.50 -9.31 25.48
C THR B 269 29.15 -9.22 23.99
N LEU B 270 28.60 -8.08 23.58
CA LEU B 270 28.23 -7.90 22.17
C LEU B 270 29.45 -7.91 21.27
N LEU B 271 30.47 -7.13 21.65
CA LEU B 271 31.73 -7.03 20.87
C LEU B 271 32.34 -8.42 20.72
N LYS B 272 32.37 -9.16 21.82
CA LYS B 272 32.83 -10.55 21.79
C LYS B 272 31.95 -11.42 20.89
N GLN B 273 30.63 -11.28 20.96
CA GLN B 273 29.73 -12.12 20.14
C GLN B 273 29.82 -11.75 18.66
N LEU B 274 30.01 -10.48 18.35
CA LEU B 274 30.25 -10.07 16.96
C LEU B 274 31.51 -10.69 16.34
N LYS B 275 32.59 -10.76 17.10
CA LYS B 275 33.84 -11.38 16.63
C LYS B 275 33.65 -12.86 16.37
N GLU B 276 32.96 -13.55 17.28
CA GLU B 276 32.64 -14.96 17.08
C GLU B 276 31.76 -15.22 15.87
N ALA B 277 30.88 -14.28 15.55
CA ALA B 277 30.05 -14.39 14.34
C ALA B 277 30.78 -13.93 13.06
N GLN B 278 32.07 -13.60 13.18
CA GLN B 278 32.94 -13.16 12.08
C GLN B 278 32.43 -11.91 11.36
N VAL B 279 31.77 -11.04 12.11
CA VAL B 279 31.25 -9.78 11.58
C VAL B 279 32.41 -8.88 11.12
N GLN B 280 32.20 -8.19 10.00
CA GLN B 280 33.26 -7.47 9.27
C GLN B 280 33.46 -6.01 9.67
N TYR B 281 32.58 -5.46 10.49
CA TYR B 281 32.68 -4.05 10.90
C TYR B 281 33.06 -3.90 12.38
N PRO B 282 33.64 -2.75 12.74
CA PRO B 282 33.83 -2.42 14.17
C PRO B 282 32.52 -2.08 14.89
N LEU B 283 32.39 -2.50 16.15
CA LEU B 283 31.27 -2.07 16.97
C LEU B 283 31.38 -0.60 17.29
N GLN B 284 30.36 0.16 16.91
CA GLN B 284 30.26 1.55 17.33
C GLN B 284 29.51 1.63 18.65
N THR B 285 30.11 2.32 19.62
CA THR B 285 29.50 2.56 20.91
C THR B 285 29.29 4.06 21.06
N PHE B 286 28.24 4.41 21.76
CA PHE B 286 27.77 5.80 21.83
C PHE B 286 27.48 6.12 23.28
N ALA B 287 28.02 7.24 23.76
CA ALA B 287 27.76 7.76 25.10
C ALA B 287 27.40 9.21 24.99
N ILE B 288 26.56 9.67 25.92
CA ILE B 288 26.10 11.05 25.94
C ILE B 288 26.03 11.58 27.36
N GLY B 289 26.37 12.86 27.51
CA GLY B 289 26.28 13.59 28.76
C GLY B 289 26.55 15.08 28.57
N MET B 290 26.87 15.76 29.65
CA MET B 290 27.25 17.17 29.60
C MET B 290 28.75 17.30 29.82
N GLU B 291 29.29 18.45 29.40
CA GLU B 291 30.63 18.92 29.77
C GLU B 291 31.11 18.38 31.13
N ASP B 292 32.14 17.53 31.10
CA ASP B 292 32.76 16.94 32.31
C ASP B 292 31.83 16.04 33.13
N SER B 293 31.18 15.07 32.48
CA SER B 293 30.43 14.03 33.20
C SER B 293 31.42 12.98 33.69
N PRO B 294 31.26 12.48 34.93
CA PRO B 294 32.06 11.32 35.35
C PRO B 294 31.60 10.02 34.67
N ASP B 295 30.30 9.92 34.37
CA ASP B 295 29.74 8.77 33.63
C ASP B 295 30.37 8.61 32.25
N LEU B 296 30.61 9.74 31.56
CA LEU B 296 31.29 9.72 30.26
C LEU B 296 32.69 9.11 30.36
N LEU B 297 33.40 9.43 31.45
CA LEU B 297 34.73 8.85 31.67
C LEU B 297 34.66 7.34 31.92
N ALA B 298 33.65 6.89 32.67
CA ALA B 298 33.39 5.45 32.83
C ALA B 298 33.16 4.75 31.49
N ALA B 299 32.36 5.40 30.63
CA ALA B 299 32.06 4.86 29.29
C ALA B 299 33.33 4.78 28.45
N ARG B 300 34.12 5.86 28.49
CA ARG B 300 35.42 5.90 27.79
C ARG B 300 36.33 4.75 28.24
N LYS B 301 36.41 4.55 29.56
CA LYS B 301 37.18 3.46 30.13
C LYS B 301 36.74 2.12 29.58
N VAL B 302 35.43 1.86 29.54
CA VAL B 302 34.93 0.56 29.04
C VAL B 302 35.19 0.43 27.53
N ALA B 303 34.95 1.51 26.78
CA ALA B 303 35.20 1.53 25.33
C ALA B 303 36.65 1.21 25.00
N ASP B 304 37.59 1.87 25.69
CA ASP B 304 39.02 1.61 25.48
C ASP B 304 39.36 0.18 25.88
N HIS B 305 38.78 -0.30 26.98
CA HIS B 305 38.99 -1.68 27.43
C HIS B 305 38.51 -2.74 26.46
N ILE B 306 37.28 -2.60 25.92
CA ILE B 306 36.76 -3.60 24.96
C ILE B 306 37.24 -3.40 23.52
N GLY B 307 37.65 -2.19 23.15
CA GLY B 307 38.20 -1.91 21.81
C GLY B 307 37.13 -1.53 20.78
N SER B 308 36.15 -0.73 21.23
CA SER B 308 35.02 -0.34 20.38
C SER B 308 35.35 0.96 19.62
N GLU B 309 34.59 1.24 18.57
CA GLU B 309 34.66 2.54 17.88
C GLU B 309 33.73 3.48 18.62
N HIS B 310 34.30 4.32 19.46
CA HIS B 310 33.51 4.98 20.47
C HIS B 310 33.23 6.44 20.14
N TYR B 311 32.00 6.86 20.44
CA TYR B 311 31.48 8.18 20.11
C TYR B 311 31.00 8.82 21.40
N GLU B 312 31.69 9.88 21.80
CA GLU B 312 31.35 10.61 23.01
C GLU B 312 30.64 11.88 22.57
N VAL B 313 29.38 12.02 22.97
CA VAL B 313 28.58 13.17 22.59
C VAL B 313 28.30 14.01 23.83
N LEU B 314 28.44 15.31 23.67
CA LEU B 314 28.20 16.28 24.73
C LEU B 314 26.97 17.07 24.31
N PHE B 315 26.10 17.40 25.25
CA PHE B 315 25.03 18.35 24.96
C PHE B 315 25.06 19.42 26.02
N ASN B 316 24.74 20.64 25.62
CA ASN B 316 24.70 21.78 26.54
C ASN B 316 23.29 21.89 27.10
N SER B 317 23.14 22.68 28.16
CA SER B 317 21.85 22.79 28.83
C SER B 317 20.76 23.40 27.92
N GLU B 318 21.15 24.25 26.97
CA GLU B 318 20.20 24.88 26.05
C GLU B 318 19.57 23.88 25.05
N GLU B 319 20.42 23.03 24.44
CA GLU B 319 19.94 21.95 23.57
C GLU B 319 18.91 21.06 24.27
N GLY B 320 19.20 20.72 25.51
CA GLY B 320 18.36 19.82 26.31
C GLY B 320 17.01 20.41 26.64
N ILE B 321 17.01 21.68 27.02
CA ILE B 321 15.78 22.37 27.35
C ILE B 321 14.92 22.54 26.08
N GLN B 322 15.55 22.86 24.95
CA GLN B 322 14.82 23.04 23.69
C GLN B 322 14.24 21.73 23.16
N ALA B 323 14.90 20.61 23.45
CA ALA B 323 14.44 19.30 23.01
C ALA B 323 13.26 18.75 23.82
N LEU B 324 13.02 19.28 25.01
CA LEU B 324 11.91 18.81 25.86
C LEU B 324 10.57 18.69 25.15
N ASP B 325 10.21 19.66 24.32
CA ASP B 325 8.89 19.66 23.67
C ASP B 325 8.75 18.44 22.75
N GLU B 326 9.73 18.26 21.87
CA GLU B 326 9.71 17.13 20.92
C GLU B 326 9.92 15.78 21.62
N VAL B 327 10.68 15.76 22.73
CA VAL B 327 10.88 14.53 23.50
C VAL B 327 9.57 14.08 24.13
N ILE B 328 8.85 15.01 24.73
CA ILE B 328 7.57 14.68 25.34
C ILE B 328 6.52 14.30 24.28
N PHE B 329 6.51 14.99 23.13
CA PHE B 329 5.70 14.54 21.99
C PHE B 329 6.00 13.06 21.61
N SER B 330 7.28 12.72 21.51
CA SER B 330 7.68 11.34 21.20
C SER B 330 7.24 10.34 22.26
N LEU B 331 7.54 10.64 23.51
CA LEU B 331 7.24 9.74 24.64
C LEU B 331 5.77 9.47 24.88
N GLU B 332 4.95 10.49 24.72
CA GLU B 332 3.53 10.36 25.08
C GLU B 332 3.34 9.99 26.57
N THR B 333 4.23 10.50 27.43
CA THR B 333 4.07 10.42 28.87
C THR B 333 4.62 11.66 29.56
N TYR B 334 4.26 11.79 30.83
CA TYR B 334 4.68 12.93 31.64
C TYR B 334 5.43 12.53 32.91
N ASP B 335 5.80 11.25 33.05
CA ASP B 335 6.53 10.78 34.24
C ASP B 335 7.88 11.46 34.32
N ILE B 336 8.17 12.03 35.50
CA ILE B 336 9.40 12.82 35.72
C ILE B 336 10.69 12.04 35.43
N THR B 337 10.85 10.86 36.03
CA THR B 337 12.08 10.06 35.85
C THR B 337 12.30 9.74 34.37
N THR B 338 11.24 9.29 33.72
CA THR B 338 11.24 8.98 32.31
C THR B 338 11.61 10.20 31.48
N VAL B 339 10.94 11.33 31.69
CA VAL B 339 11.24 12.54 30.91
C VAL B 339 12.71 12.93 31.07
N ARG B 340 13.20 13.03 32.31
CA ARG B 340 14.59 13.45 32.56
C ARG B 340 15.60 12.68 31.73
N ALA B 341 15.53 11.34 31.79
CA ALA B 341 16.48 10.47 31.10
C ALA B 341 16.25 10.43 29.57
N SER B 342 15.05 10.78 29.13
CA SER B 342 14.70 10.68 27.69
C SER B 342 15.36 11.71 26.79
N VAL B 343 15.66 12.90 27.33
CA VAL B 343 16.31 13.94 26.54
C VAL B 343 17.65 13.44 26.03
N GLY B 344 18.46 12.86 26.91
CA GLY B 344 19.76 12.32 26.48
C GLY B 344 19.68 11.19 25.47
N MET B 345 18.80 10.21 25.72
CA MET B 345 18.63 9.07 24.81
C MET B 345 18.09 9.52 23.44
N TYR B 346 17.24 10.55 23.44
CA TYR B 346 16.71 11.11 22.18
C TYR B 346 17.81 11.81 21.38
N LEU B 347 18.64 12.62 22.04
CA LEU B 347 19.73 13.31 21.34
C LEU B 347 20.80 12.34 20.85
N ILE B 348 21.16 11.33 21.64
CA ILE B 348 22.16 10.37 21.18
C ILE B 348 21.62 9.56 19.99
N SER B 349 20.33 9.23 20.01
CA SER B 349 19.73 8.53 18.87
C SER B 349 19.74 9.41 17.60
N LYS B 350 19.44 10.70 17.75
CA LYS B 350 19.51 11.64 16.63
C LYS B 350 20.89 11.65 16.00
N TYR B 351 21.90 11.63 16.86
CA TYR B 351 23.31 11.64 16.44
C TYR B 351 23.68 10.33 15.75
N ILE B 352 23.26 9.22 16.33
CA ILE B 352 23.49 7.90 15.73
C ILE B 352 22.97 7.84 14.28
N ARG B 353 21.71 8.24 14.12
CA ARG B 353 21.06 8.27 12.80
C ARG B 353 21.73 9.27 11.84
N LYS B 354 22.12 10.44 12.34
CA LYS B 354 22.69 11.47 11.46
C LYS B 354 24.07 11.08 10.95
N ASN B 355 24.91 10.51 11.82
CA ASN B 355 26.33 10.39 11.54
C ASN B 355 26.84 8.98 11.31
N THR B 356 26.02 7.95 11.56
CA THR B 356 26.47 6.57 11.33
C THR B 356 25.44 5.72 10.60
N ASP B 357 25.87 4.53 10.19
CA ASP B 357 24.98 3.52 9.63
C ASP B 357 24.61 2.43 10.66
N SER B 358 24.93 2.64 11.96
CA SER B 358 24.43 1.75 13.02
C SER B 358 22.92 1.90 13.18
N VAL B 359 22.19 0.80 13.01
CA VAL B 359 20.75 0.86 13.04
C VAL B 359 20.13 0.03 14.18
N VAL B 360 20.67 -1.15 14.42
CA VAL B 360 20.21 -2.03 15.49
C VAL B 360 21.08 -1.67 16.70
N ILE B 361 20.45 -1.09 17.72
CA ILE B 361 21.12 -0.52 18.89
C ILE B 361 20.82 -1.29 20.20
N PHE B 362 21.85 -1.93 20.74
CA PHE B 362 21.75 -2.61 22.02
C PHE B 362 21.77 -1.64 23.18
N SER B 363 21.06 -2.03 24.25
CA SER B 363 20.99 -1.23 25.46
C SER B 363 20.70 -2.09 26.68
N GLY B 364 20.91 -1.52 27.84
CA GLY B 364 20.90 -2.27 29.11
C GLY B 364 19.60 -2.27 29.90
N GLU B 365 18.51 -1.73 29.33
CA GLU B 365 17.24 -1.62 30.06
C GLU B 365 16.71 -2.96 30.51
N GLY B 366 16.06 -2.93 31.66
CA GLY B 366 15.57 -4.13 32.35
C GLY B 366 16.45 -4.68 33.45
N SER B 367 17.75 -4.38 33.41
CA SER B 367 18.68 -5.03 34.34
C SER B 367 18.35 -4.76 35.80
N ASP B 368 18.18 -3.47 36.12
CA ASP B 368 17.94 -3.07 37.50
C ASP B 368 16.64 -3.65 38.04
N GLU B 369 15.63 -3.80 37.18
CA GLU B 369 14.34 -4.29 37.61
C GLU B 369 14.44 -5.78 37.86
N LEU B 370 15.07 -6.47 36.91
CA LEU B 370 15.35 -7.91 37.05
C LEU B 370 16.19 -8.25 38.29
N THR B 371 17.23 -7.48 38.52
CA THR B 371 18.26 -7.82 39.52
C THR B 371 18.19 -7.02 40.82
N GLN B 372 17.12 -6.24 40.99
CA GLN B 372 16.90 -5.43 42.19
C GLN B 372 18.05 -4.47 42.46
N GLY B 373 18.48 -3.81 41.38
CA GLY B 373 19.64 -2.94 41.40
C GLY B 373 19.45 -1.50 41.88
N TYR B 374 18.21 -1.05 42.04
CA TYR B 374 17.95 0.33 42.50
C TYR B 374 18.24 0.44 43.99
N ILE B 375 18.86 1.54 44.41
CA ILE B 375 19.35 1.73 45.81
C ILE B 375 18.29 1.45 46.87
N TYR B 376 17.05 1.87 46.62
CA TYR B 376 15.98 1.70 47.59
C TYR B 376 15.70 0.24 47.98
N PHE B 377 16.08 -0.74 47.15
CA PHE B 377 16.01 -2.17 47.52
C PHE B 377 16.85 -2.58 48.75
N HIS B 378 17.86 -1.77 49.11
CA HIS B 378 18.66 -1.99 50.33
C HIS B 378 17.81 -1.87 51.58
N LYS B 379 16.92 -0.88 51.57
CA LYS B 379 16.04 -0.58 52.70
C LYS B 379 14.63 -1.11 52.43
N ALA B 380 14.54 -2.44 52.29
CA ALA B 380 13.30 -3.18 52.07
C ALA B 380 12.89 -3.92 53.36
N PRO B 381 11.71 -4.59 53.37
CA PRO B 381 11.31 -5.39 54.53
C PRO B 381 11.72 -6.87 54.53
N SER B 382 11.83 -7.53 53.36
CA SER B 382 12.22 -8.95 53.30
C SER B 382 12.74 -9.39 51.91
N PRO B 383 13.25 -10.65 51.79
CA PRO B 383 13.59 -11.23 50.48
C PRO B 383 12.40 -11.49 49.55
N GLU B 384 11.23 -11.79 50.14
CA GLU B 384 10.01 -12.10 49.38
C GLU B 384 9.22 -10.84 48.95
N LYS B 385 9.30 -9.78 49.76
CA LYS B 385 8.66 -8.49 49.45
C LYS B 385 9.51 -7.56 48.56
N ALA B 386 10.81 -7.86 48.44
CA ALA B 386 11.65 -7.22 47.43
C ALA B 386 11.38 -7.86 46.09
N GLU B 387 11.43 -9.19 46.07
CA GLU B 387 11.07 -10.04 44.92
C GLU B 387 9.75 -9.65 44.24
N GLU B 388 8.79 -9.14 45.04
CA GLU B 388 7.49 -8.66 44.56
C GLU B 388 7.58 -7.30 43.90
N GLU B 389 8.25 -6.36 44.56
CA GLU B 389 8.58 -5.06 43.98
C GLU B 389 9.31 -5.16 42.62
N SER B 390 10.19 -6.15 42.47
CA SER B 390 10.87 -6.44 41.23
C SER B 390 9.85 -6.86 40.17
N GLU B 391 8.88 -7.68 40.55
CA GLU B 391 7.84 -8.11 39.61
C GLU B 391 6.94 -6.94 39.20
N ARG B 392 6.63 -6.06 40.13
CA ARG B 392 5.92 -4.83 39.82
C ARG B 392 6.70 -3.96 38.83
N LEU B 393 8.00 -3.77 39.08
CA LEU B 393 8.83 -2.96 38.18
C LEU B 393 8.84 -3.56 36.74
N LEU B 394 9.01 -4.88 36.64
CA LEU B 394 9.03 -5.57 35.34
C LEU B 394 7.70 -5.39 34.59
N ARG B 395 6.60 -5.50 35.34
CA ARG B 395 5.25 -5.35 34.78
C ARG B 395 4.94 -3.92 34.34
N GLU B 396 5.66 -2.95 34.89
CA GLU B 396 5.46 -1.53 34.56
C GLU B 396 6.54 -0.91 33.67
N LEU B 397 7.53 -1.70 33.23
CA LEU B 397 8.59 -1.21 32.33
C LEU B 397 8.02 -0.49 31.09
N TYR B 398 6.95 -1.04 30.52
CA TYR B 398 6.29 -0.46 29.33
C TYR B 398 5.76 0.96 29.53
N LEU B 399 5.59 1.37 30.79
CA LEU B 399 5.19 2.77 31.14
C LEU B 399 6.35 3.75 31.33
N PHE B 400 7.53 3.20 31.60
CA PHE B 400 8.68 3.95 32.07
C PHE B 400 9.93 3.69 31.22
N ASP B 401 10.89 2.90 31.70
CA ASP B 401 12.21 2.84 31.05
C ASP B 401 12.17 2.24 29.64
N VAL B 402 11.33 1.22 29.48
CA VAL B 402 11.16 0.56 28.18
C VAL B 402 10.34 1.45 27.25
N LEU B 403 9.42 2.27 27.80
CA LEU B 403 8.79 3.33 26.99
C LEU B 403 9.85 4.28 26.46
N ARG B 404 10.70 4.81 27.35
CA ARG B 404 11.78 5.72 26.95
C ARG B 404 12.67 5.09 25.89
N ALA B 405 13.07 3.84 26.14
CA ALA B 405 14.08 3.23 25.26
C ALA B 405 13.53 3.00 23.86
N ASP B 406 12.24 2.67 23.76
CA ASP B 406 11.61 2.44 22.45
C ASP B 406 11.38 3.76 21.73
N ARG B 407 10.68 4.67 22.40
CA ARG B 407 10.21 5.89 21.72
C ARG B 407 11.34 6.81 21.31
N THR B 408 12.39 6.92 22.12
CA THR B 408 13.50 7.82 21.80
C THR B 408 14.37 7.28 20.68
N THR B 409 14.49 5.96 20.56
CA THR B 409 15.31 5.36 19.48
C THR B 409 14.51 5.29 18.17
N ALA B 410 13.25 4.90 18.29
CA ALA B 410 12.33 4.81 17.13
C ALA B 410 12.00 6.15 16.50
N ALA B 411 12.07 7.21 17.31
CA ALA B 411 11.91 8.58 16.85
C ALA B 411 12.89 8.92 15.75
N HIS B 412 14.04 8.23 15.71
CA HIS B 412 15.09 8.46 14.74
C HIS B 412 15.36 7.27 13.81
N GLY B 413 14.38 6.37 13.68
CA GLY B 413 14.51 5.22 12.79
C GLY B 413 15.55 4.22 13.19
N LEU B 414 15.75 4.06 14.51
CA LEU B 414 16.63 2.98 15.00
C LEU B 414 15.80 1.86 15.67
N GLU B 415 16.41 0.67 15.77
CA GLU B 415 15.78 -0.49 16.40
C GLU B 415 16.49 -0.85 17.70
N LEU B 416 15.75 -0.74 18.79
CA LEU B 416 16.21 -1.11 20.13
C LEU B 416 16.26 -2.61 20.32
N ARG B 417 17.37 -3.09 20.88
CA ARG B 417 17.45 -4.44 21.42
C ARG B 417 17.95 -4.43 22.87
N VAL B 418 17.31 -5.25 23.71
CA VAL B 418 17.48 -5.19 25.19
C VAL B 418 17.66 -6.60 25.75
N PRO B 419 18.92 -7.10 25.75
CA PRO B 419 19.14 -8.51 26.09
C PRO B 419 18.85 -8.93 27.52
N PHE B 420 18.79 -8.01 28.49
CA PHE B 420 18.46 -8.38 29.87
C PHE B 420 17.02 -8.88 29.99
N LEU B 421 16.16 -8.54 29.01
CA LEU B 421 14.77 -8.95 29.04
C LEU B 421 14.54 -10.19 28.18
N ASP B 422 15.62 -10.83 27.76
CA ASP B 422 15.58 -12.15 27.14
C ASP B 422 14.70 -13.07 27.97
N HIS B 423 13.81 -13.78 27.29
CA HIS B 423 12.85 -14.67 27.96
C HIS B 423 13.59 -15.76 28.80
N ARG B 424 14.52 -16.48 28.21
CA ARG B 424 15.22 -17.56 28.93
C ARG B 424 16.14 -17.05 30.06
N PHE B 425 16.89 -15.99 29.80
CA PHE B 425 17.76 -15.40 30.80
C PHE B 425 16.97 -14.82 31.98
N SER B 426 15.98 -13.99 31.69
CA SER B 426 15.20 -13.40 32.76
C SER B 426 14.36 -14.42 33.55
N SER B 427 13.80 -15.43 32.87
CA SER B 427 13.02 -16.47 33.54
CA SER B 427 13.00 -16.44 33.56
C SER B 427 13.91 -17.24 34.50
N TYR B 428 15.10 -17.60 34.03
CA TYR B 428 16.05 -18.33 34.89
C TYR B 428 16.47 -17.50 36.09
N TYR B 429 16.83 -16.25 35.88
CA TYR B 429 17.18 -15.33 36.97
C TYR B 429 16.07 -15.22 38.01
N LEU B 430 14.85 -15.06 37.52
CA LEU B 430 13.68 -14.99 38.41
C LEU B 430 13.35 -16.31 39.12
N SER B 431 13.84 -17.43 38.58
CA SER B 431 13.64 -18.75 39.21
C SER B 431 14.54 -18.96 40.42
N LEU B 432 15.60 -18.17 40.55
CA LEU B 432 16.63 -18.39 41.61
C LEU B 432 16.07 -18.07 42.99
N PRO B 433 16.49 -18.83 44.04
CA PRO B 433 16.09 -18.47 45.40
C PRO B 433 16.36 -17.00 45.74
N PRO B 434 15.39 -16.31 46.39
CA PRO B 434 15.58 -14.94 46.88
C PRO B 434 16.85 -14.72 47.70
N GLU B 435 17.28 -15.77 48.42
CA GLU B 435 18.53 -15.74 49.18
C GLU B 435 19.75 -15.47 48.28
N MET B 436 19.70 -15.92 47.03
CA MET B 436 20.81 -15.72 46.09
C MET B 436 20.76 -14.38 45.37
N ARG B 437 19.57 -13.81 45.27
CA ARG B 437 19.35 -12.56 44.52
C ARG B 437 19.39 -11.30 45.35
N ILE B 438 19.10 -11.41 46.65
CA ILE B 438 19.18 -10.25 47.57
C ILE B 438 20.65 -9.85 47.81
N PRO B 439 20.92 -8.53 47.93
CA PRO B 439 22.28 -8.11 48.29
C PRO B 439 22.69 -8.63 49.67
N LYS B 440 23.61 -9.59 49.69
CA LYS B 440 24.02 -10.25 50.94
C LYS B 440 25.27 -9.59 51.53
N ASN B 441 26.30 -9.40 50.71
CA ASN B 441 27.50 -8.64 51.10
C ASN B 441 27.15 -7.24 51.60
N GLY B 442 26.23 -6.59 50.89
CA GLY B 442 25.96 -5.17 51.06
C GLY B 442 25.89 -4.47 49.72
N ILE B 443 26.57 -5.01 48.69
CA ILE B 443 26.52 -4.42 47.34
C ILE B 443 25.35 -4.98 46.52
N GLU B 444 24.66 -4.08 45.83
CA GLU B 444 23.57 -4.45 44.91
C GLU B 444 24.12 -5.21 43.70
N LYS B 445 23.30 -6.11 43.17
CA LYS B 445 23.65 -6.94 41.99
C LYS B 445 24.89 -7.82 42.19
N HIS B 446 25.09 -8.30 43.42
CA HIS B 446 26.31 -9.03 43.75
C HIS B 446 26.47 -10.24 42.86
N LEU B 447 25.39 -11.03 42.76
CA LEU B 447 25.42 -12.29 42.00
C LEU B 447 25.78 -12.03 40.52
N LEU B 448 25.23 -10.96 39.97
CA LEU B 448 25.52 -10.58 38.58
C LEU B 448 27.00 -10.22 38.39
N ARG B 449 27.58 -9.51 39.35
CA ARG B 449 29.00 -9.12 39.29
C ARG B 449 29.90 -10.33 39.40
N GLU B 450 29.63 -11.17 40.39
CA GLU B 450 30.32 -12.46 40.53
C GLU B 450 30.20 -13.36 39.31
N THR B 451 29.03 -13.35 38.67
CA THR B 451 28.85 -14.13 37.45
C THR B 451 29.93 -13.82 36.42
N PHE B 452 30.30 -12.55 36.29
CA PHE B 452 31.19 -12.11 35.21
C PHE B 452 32.63 -11.78 35.61
N GLU B 453 33.03 -12.16 36.82
CA GLU B 453 34.30 -11.63 37.36
C GLU B 453 35.56 -12.34 36.89
N ASP B 454 35.40 -13.51 36.28
CA ASP B 454 36.53 -14.26 35.72
C ASP B 454 36.62 -14.19 34.20
N SER B 455 35.72 -13.42 33.57
CA SER B 455 35.75 -13.22 32.12
C SER B 455 36.83 -12.21 31.69
N ASN B 456 37.17 -11.28 32.57
CA ASN B 456 37.85 -10.02 32.22
C ASN B 456 37.08 -9.29 31.09
N LEU B 457 35.77 -9.21 31.27
CA LEU B 457 34.88 -8.61 30.26
C LEU B 457 35.00 -7.11 30.32
N ILE B 458 35.02 -6.57 31.54
CA ILE B 458 35.08 -5.13 31.77
C ILE B 458 36.16 -4.81 32.84
N PRO B 459 36.50 -3.52 33.04
CA PRO B 459 37.50 -3.20 34.07
C PRO B 459 36.94 -3.43 35.49
N LYS B 460 37.76 -3.94 36.39
CA LYS B 460 37.28 -4.36 37.72
C LYS B 460 36.70 -3.23 38.56
N GLU B 461 37.27 -2.04 38.43
CA GLU B 461 36.68 -0.86 39.05
C GLU B 461 35.21 -0.71 38.63
N ILE B 462 34.91 -0.94 37.35
CA ILE B 462 33.55 -0.82 36.82
C ILE B 462 32.69 -1.99 37.30
N LEU B 463 33.22 -3.21 37.22
CA LEU B 463 32.50 -4.41 37.72
C LEU B 463 32.04 -4.28 39.16
N TRP B 464 32.82 -3.58 40.01
CA TRP B 464 32.54 -3.48 41.45
C TRP B 464 32.11 -2.09 41.99
N ARG B 465 31.82 -1.13 41.10
CA ARG B 465 31.26 0.18 41.51
C ARG B 465 29.78 0.10 41.96
N PRO B 466 29.42 0.61 43.17
CA PRO B 466 28.00 0.62 43.60
C PRO B 466 27.10 1.63 42.87
N SER B 480 23.70 17.53 37.84
CA SER B 480 23.86 18.84 37.21
C SER B 480 22.79 19.10 36.17
N TRP B 481 22.64 18.20 35.20
CA TRP B 481 21.51 18.25 34.24
C TRP B 481 20.16 18.26 34.96
N PHE B 482 20.01 17.38 35.96
CA PHE B 482 18.83 17.38 36.84
C PHE B 482 18.62 18.74 37.51
N LYS B 483 19.71 19.35 37.97
CA LYS B 483 19.67 20.68 38.57
C LYS B 483 19.30 21.77 37.55
N ILE B 484 19.81 21.68 36.32
CA ILE B 484 19.49 22.69 35.29
C ILE B 484 18.01 22.63 34.87
N LEU B 485 17.41 21.43 34.85
CA LEU B 485 15.95 21.32 34.72
C LEU B 485 15.16 22.00 35.86
N GLN B 486 15.55 21.73 37.12
CA GLN B 486 14.88 22.31 38.32
C GLN B 486 14.79 23.84 38.25
N GLU B 487 15.91 24.46 37.88
CA GLU B 487 16.01 25.90 37.70
C GLU B 487 15.03 26.39 36.64
N TYR B 488 14.99 25.70 35.51
CA TYR B 488 14.18 26.12 34.38
C TYR B 488 12.68 26.12 34.68
N VAL B 489 12.18 25.03 35.23
CA VAL B 489 10.74 24.87 35.52
C VAL B 489 10.24 25.81 36.64
N GLU B 490 11.15 26.21 37.53
CA GLU B 490 10.85 27.13 38.63
C GLU B 490 10.25 28.43 38.13
N HIS B 491 10.97 29.09 37.21
CA HIS B 491 10.50 30.34 36.60
C HIS B 491 9.72 30.12 35.28
N GLN B 492 9.01 28.99 35.19
CA GLN B 492 7.95 28.75 34.20
C GLN B 492 6.58 28.41 34.81
N VAL B 493 6.58 27.85 36.03
CA VAL B 493 5.38 27.48 36.75
C VAL B 493 5.40 28.29 38.06
N ASP B 494 4.45 29.21 38.23
CA ASP B 494 4.38 30.05 39.44
C ASP B 494 3.50 29.37 40.50
N ASP B 495 3.46 29.96 41.70
CA ASP B 495 2.83 29.30 42.87
C ASP B 495 1.30 29.09 42.81
N ALA B 496 0.59 29.95 42.10
CA ALA B 496 -0.87 29.83 41.95
C ALA B 496 -1.24 28.71 40.99
N MET B 497 -0.44 28.57 39.93
CA MET B 497 -0.53 27.43 39.02
C MET B 497 -0.43 26.13 39.83
N MET B 498 0.53 26.06 40.75
CA MET B 498 0.66 24.90 41.67
C MET B 498 -0.49 24.78 42.68
N ALA B 499 -0.88 25.90 43.29
CA ALA B 499 -2.02 25.90 44.22
C ALA B 499 -3.33 25.48 43.55
N ASN B 500 -3.47 25.78 42.26
CA ASN B 500 -4.61 25.38 41.43
C ASN B 500 -4.44 24.01 40.69
N ALA B 501 -3.33 23.32 40.93
CA ALA B 501 -2.96 22.14 40.14
C ALA B 501 -4.01 21.03 40.14
N ALA B 502 -4.63 20.79 41.30
CA ALA B 502 -5.61 19.71 41.47
C ALA B 502 -6.93 19.95 40.76
N GLN B 503 -7.30 21.22 40.60
CA GLN B 503 -8.47 21.55 39.80
C GLN B 503 -8.13 21.40 38.32
N LYS B 504 -6.95 21.86 37.89
CA LYS B 504 -6.55 21.81 36.48
C LYS B 504 -6.19 20.39 36.01
N PHE B 505 -5.60 19.60 36.90
CA PHE B 505 -5.08 18.28 36.58
C PHE B 505 -5.56 17.25 37.62
N PRO B 506 -6.89 17.00 37.69
CA PRO B 506 -7.41 16.11 38.74
C PRO B 506 -6.92 14.65 38.66
N PHE B 507 -6.52 14.17 37.48
CA PHE B 507 -5.93 12.83 37.34
C PHE B 507 -4.40 12.93 37.47
N ASN B 508 -3.79 12.05 38.28
CA ASN B 508 -2.33 12.08 38.54
C ASN B 508 -1.82 13.49 38.68
N THR B 509 -2.38 14.21 39.64
CA THR B 509 -2.05 15.62 39.87
C THR B 509 -0.56 15.79 40.12
N PRO B 510 0.11 16.73 39.43
CA PRO B 510 1.54 16.92 39.68
C PRO B 510 1.81 17.56 41.04
N LYS B 511 2.83 17.05 41.72
CA LYS B 511 3.22 17.45 43.08
C LYS B 511 4.34 18.48 43.08
N THR B 512 5.15 18.54 42.01
CA THR B 512 6.25 19.51 41.92
C THR B 512 6.05 20.36 40.68
N LYS B 513 6.83 21.44 40.57
CA LYS B 513 6.79 22.33 39.39
C LYS B 513 7.35 21.66 38.14
N GLU B 514 8.41 20.86 38.29
CA GLU B 514 8.94 20.03 37.21
C GLU B 514 7.84 19.13 36.62
N GLY B 515 7.16 18.40 37.48
CA GLY B 515 6.01 17.56 37.11
C GLY B 515 4.89 18.35 36.45
N TYR B 516 4.54 19.50 37.01
CA TYR B 516 3.54 20.41 36.42
C TYR B 516 3.95 20.77 35.00
N TYR B 517 5.18 21.23 34.84
CA TYR B 517 5.67 21.63 33.51
C TYR B 517 5.56 20.50 32.47
N TYR B 518 6.05 19.31 32.81
CA TYR B 518 5.98 18.16 31.91
C TYR B 518 4.51 17.83 31.58
N ARG B 519 3.65 17.89 32.60
CA ARG B 519 2.21 17.67 32.42
C ARG B 519 1.60 18.66 31.43
N GLN B 520 2.04 19.92 31.50
CA GLN B 520 1.58 20.97 30.57
C GLN B 520 1.96 20.66 29.13
N VAL B 521 3.25 20.39 28.91
CA VAL B 521 3.75 20.04 27.57
C VAL B 521 2.96 18.84 27.07
N PHE B 522 2.84 17.83 27.92
CA PHE B 522 2.06 16.64 27.58
C PHE B 522 0.64 17.01 27.16
N GLU B 523 -0.06 17.81 27.96
CA GLU B 523 -1.47 18.16 27.66
C GLU B 523 -1.65 19.05 26.42
N ARG B 524 -0.63 19.82 26.06
CA ARG B 524 -0.65 20.53 24.77
C ARG B 524 -0.72 19.57 23.58
N HIS B 525 0.12 18.54 23.59
CA HIS B 525 0.15 17.55 22.50
C HIS B 525 -1.01 16.58 22.60
N TYR B 526 -1.40 16.25 23.82
CA TYR B 526 -2.30 15.14 24.09
C TYR B 526 -3.37 15.54 25.13
N PRO B 527 -4.21 16.54 24.80
CA PRO B 527 -5.18 17.05 25.79
C PRO B 527 -6.18 15.99 26.24
N GLY B 528 -6.32 15.84 27.56
CA GLY B 528 -7.23 14.87 28.13
C GLY B 528 -6.77 13.43 28.09
N ARG B 529 -5.51 13.18 27.72
CA ARG B 529 -5.00 11.80 27.60
C ARG B 529 -4.11 11.32 28.76
N ALA B 530 -4.24 11.93 29.94
CA ALA B 530 -3.30 11.63 31.04
C ALA B 530 -3.38 10.22 31.57
N ASP B 531 -4.51 9.54 31.38
CA ASP B 531 -4.66 8.16 31.89
C ASP B 531 -3.90 7.12 31.06
N TRP B 532 -3.10 7.56 30.09
CA TRP B 532 -2.08 6.66 29.47
C TRP B 532 -1.06 6.22 30.53
N LEU B 533 -0.82 7.07 31.52
CA LEU B 533 -0.01 6.72 32.69
C LEU B 533 -0.91 6.52 33.89
N SER B 534 -1.07 5.27 34.33
CA SER B 534 -1.87 4.97 35.52
C SER B 534 -1.35 5.64 36.83
N HIS B 535 -0.02 5.73 37.00
CA HIS B 535 0.62 6.08 38.29
C HIS B 535 1.09 7.53 38.38
#